data_8J1J
#
_entry.id   8J1J
#
_cell.length_a   1.00
_cell.length_b   1.00
_cell.length_c   1.00
_cell.angle_alpha   90.00
_cell.angle_beta   90.00
_cell.angle_gamma   90.00
#
_symmetry.space_group_name_H-M   'P 1'
#
loop_
_entity.id
_entity.type
_entity.pdbx_description
1 polymer 'Transposase IS605 OrfB C-terminal domain-containing protein'
2 polymer 'DNA (38-MER)'
3 polymer 'DNA (38-MER)'
4 polymer 'RNA (118-MER)'
5 non-polymer 'ZINC ION'
6 non-polymer 'MAGNESIUM ION'
#
loop_
_entity_poly.entity_id
_entity_poly.type
_entity_poly.pdbx_seq_one_letter_code
_entity_poly.pdbx_strand_id
1 'polypeptide(L)'
;MGHHHHHHGSMIKVYRYEIVKPLDLDWKEFGTILRQLQQETRFALNKATQLAWEWMGYSSDYKDNHGEYPKSKDILGYTN
VHGYAYHTIKTKAYRLNSGNLSQTIKRATDRFKAYQKEILRGDMSIPSYKRDIPLDLIKENISVNRMNHGDYIASLSLLS
NPAKQEMNVKRKISVIIIVRGAGKTIMDRILSGEYQVHASQIIHDDRKNKWYLNISYDFEPQTRVLDLNKIMGIDLGVAV
AAYMAFQHTPARYKLEGGEIENFRRQVESRRISMLRQGKYAGGARGGHGRDKRIKPIEQLRDKIANFRDTTNHRYSRYIV
DMAIKMGCGTIQMEDLTNIRDIGSRFLQNWTYYDLQQKIIYKAEEAGIKVIKIDPQYTSQRCSECGNIDSGNRIGQAIFK
CRACGYEANADYNAARNIAIPNIDKIIAESIK
;
A,B
2 'polydeoxyribonucleotide'
;(DG)(DA)(DA)(DT)(DG)(DG)(DT)(DT)(DC)(DA)(DA)(DG)(DC)(DG)(DC)(DA)(DC)(DC)(DT)(DA)
(DA)(DT)(DT)(DT)(DC)(DC)(DT)(DA)(DA)(DA)(DT)(DT)(DA)(DG)(DA)(DA)(DA)(DA)
;
D
3 'polydeoxyribonucleotide'
;(DT)(DT)(DT)(DT)(DC)(DT)(DA)(DA)(DT)(DT)(DT)(DA)(DG)(DG)(DA)(DA)(DA)(DT)(DT)(DA)
(DG)(DG)(DT)(DG)(DC)(DG)(DC)(DT)(DT)(DG)(DA)(DA)(DC)(DC)(DA)(DT)(DT)(DC)
;
E
4 'polyribonucleotide'
;GGAUUCGUCGGUUCAGCGACGAUAAGCCGAGAAGUGCCAAUAAAACUGUUAAGUGGUUUGGUAACGCUCGGUAAGGUCCG
AAAGGAGAACCACUGAACGGAAAUUAGGUGCGCUUGGC
;
C
#
loop_
_chem_comp.id
_chem_comp.type
_chem_comp.name
_chem_comp.formula
A RNA linking ADENOSINE-5'-MONOPHOSPHATE 'C10 H14 N5 O7 P'
C RNA linking CYTIDINE-5'-MONOPHOSPHATE 'C9 H14 N3 O8 P'
DA DNA linking 2'-DEOXYADENOSINE-5'-MONOPHOSPHATE 'C10 H14 N5 O6 P'
DC DNA linking 2'-DEOXYCYTIDINE-5'-MONOPHOSPHATE 'C9 H14 N3 O7 P'
DG DNA linking 2'-DEOXYGUANOSINE-5'-MONOPHOSPHATE 'C10 H14 N5 O7 P'
DT DNA linking THYMIDINE-5'-MONOPHOSPHATE 'C10 H15 N2 O8 P'
G RNA linking GUANOSINE-5'-MONOPHOSPHATE 'C10 H14 N5 O8 P'
MG non-polymer 'MAGNESIUM ION' 'Mg 2'
U RNA linking URIDINE-5'-MONOPHOSPHATE 'C9 H13 N2 O9 P'
ZN non-polymer 'ZINC ION' 'Zn 2'
#
# COMPACT_ATOMS: atom_id res chain seq x y z
N GLY A 9 23.06 26.88 10.49
CA GLY A 9 23.84 25.75 10.96
C GLY A 9 22.96 24.80 11.78
N SER A 10 23.29 23.50 11.69
CA SER A 10 22.76 22.45 12.56
C SER A 10 21.34 22.04 12.21
N MET A 11 20.68 22.72 11.26
CA MET A 11 19.34 22.33 10.83
C MET A 11 19.15 22.62 9.36
N ILE A 12 18.43 21.73 8.67
CA ILE A 12 18.17 21.85 7.24
C ILE A 12 16.66 21.82 7.01
N LYS A 13 16.19 22.74 6.16
CA LYS A 13 14.78 22.86 5.87
C LYS A 13 14.60 23.30 4.42
N VAL A 14 13.41 23.06 3.88
CA VAL A 14 13.13 23.33 2.47
C VAL A 14 11.91 24.23 2.35
N TYR A 15 11.83 24.91 1.21
CA TYR A 15 10.66 25.73 0.87
C TYR A 15 10.50 25.74 -0.64
N ARG A 16 9.29 25.41 -1.11
CA ARG A 16 9.02 25.33 -2.53
C ARG A 16 8.71 26.70 -3.11
N TYR A 17 9.20 26.95 -4.32
CA TYR A 17 8.89 28.16 -5.06
C TYR A 17 8.37 27.78 -6.44
N GLU A 18 7.19 28.27 -6.78
CA GLU A 18 6.53 27.90 -8.03
C GLU A 18 7.23 28.59 -9.20
N ILE A 19 7.50 27.83 -10.25
CA ILE A 19 8.13 28.36 -11.47
C ILE A 19 7.01 28.82 -12.39
N VAL A 20 6.95 30.12 -12.67
CA VAL A 20 5.89 30.67 -13.51
C VAL A 20 6.27 30.56 -14.98
N LYS A 21 7.38 31.17 -15.35
CA LYS A 21 7.70 31.32 -16.76
C LYS A 21 9.21 31.19 -16.97
N PRO A 22 9.61 30.38 -17.95
CA PRO A 22 11.03 30.31 -18.30
C PRO A 22 11.43 31.47 -19.19
N LEU A 23 12.46 32.20 -18.78
CA LEU A 23 12.96 33.31 -19.59
C LEU A 23 13.72 32.77 -20.79
N ASP A 24 13.52 33.41 -21.94
CA ASP A 24 14.17 33.05 -23.20
C ASP A 24 13.81 31.65 -23.67
N LEU A 25 12.69 31.09 -23.21
CA LEU A 25 12.23 29.78 -23.64
C LEU A 25 10.72 29.76 -23.58
N ASP A 26 10.11 28.91 -24.38
CA ASP A 26 8.68 28.69 -24.32
C ASP A 26 8.39 27.61 -23.26
N TRP A 27 7.13 27.47 -22.88
CA TRP A 27 6.73 26.45 -21.92
C TRP A 27 6.61 25.08 -22.55
N LYS A 28 6.64 24.99 -23.88
CA LYS A 28 6.62 23.71 -24.58
C LYS A 28 8.02 23.19 -24.87
N GLU A 29 9.02 24.06 -24.90
CA GLU A 29 10.41 23.62 -24.94
C GLU A 29 10.96 23.32 -23.55
N PHE A 30 10.66 24.16 -22.57
CA PHE A 30 11.13 23.90 -21.21
C PHE A 30 10.51 22.65 -20.63
N GLY A 31 9.22 22.44 -20.87
CA GLY A 31 8.58 21.21 -20.40
C GLY A 31 9.17 19.97 -21.03
N THR A 32 9.53 20.03 -22.30
CA THR A 32 10.19 18.90 -22.95
C THR A 32 11.54 18.62 -22.32
N ILE A 33 12.31 19.65 -22.01
CA ILE A 33 13.60 19.47 -21.35
C ILE A 33 13.41 18.87 -19.96
N LEU A 34 12.46 19.39 -19.20
CA LEU A 34 12.30 18.97 -17.82
C LEU A 34 11.88 17.51 -17.71
N ARG A 35 11.22 16.97 -18.73
CA ARG A 35 10.86 15.56 -18.73
C ARG A 35 11.89 14.68 -19.41
N GLN A 36 12.72 15.24 -20.31
CA GLN A 36 13.87 14.50 -20.79
C GLN A 36 14.89 14.27 -19.69
N LEU A 37 15.13 15.29 -18.87
CA LEU A 37 16.03 15.16 -17.73
C LEU A 37 15.41 14.37 -16.58
N GLN A 38 14.09 14.23 -16.56
CA GLN A 38 13.41 13.40 -15.58
C GLN A 38 13.47 11.93 -15.92
N GLN A 39 13.89 11.59 -17.13
CA GLN A 39 14.12 10.21 -17.55
C GLN A 39 15.57 9.79 -17.44
N GLU A 40 16.51 10.71 -17.68
CA GLU A 40 17.92 10.43 -17.43
C GLU A 40 18.24 10.33 -15.95
N THR A 41 17.46 11.00 -15.10
CA THR A 41 17.63 10.83 -13.66
C THR A 41 17.16 9.46 -13.22
N ARG A 42 16.04 8.98 -13.77
CA ARG A 42 15.58 7.62 -13.48
C ARG A 42 16.55 6.59 -14.02
N PHE A 43 17.08 6.83 -15.22
CA PHE A 43 18.06 5.90 -15.79
C PHE A 43 19.32 5.85 -14.94
N ALA A 44 19.83 7.02 -14.54
CA ALA A 44 21.05 7.06 -13.75
C ALA A 44 20.85 6.41 -12.39
N LEU A 45 19.71 6.69 -11.73
CA LEU A 45 19.44 6.10 -10.44
C LEU A 45 19.32 4.59 -10.53
N ASN A 46 18.63 4.10 -11.56
CA ASN A 46 18.41 2.66 -11.70
C ASN A 46 19.65 1.92 -12.20
N LYS A 47 20.42 2.53 -13.09
CA LYS A 47 21.61 1.89 -13.59
C LYS A 47 22.76 1.91 -12.59
N ALA A 48 22.86 2.95 -11.78
CA ALA A 48 23.89 3.01 -10.75
C ALA A 48 23.61 2.06 -9.59
N THR A 49 22.36 1.68 -9.38
CA THR A 49 22.02 0.65 -8.42
C THR A 49 22.34 -0.75 -8.91
N GLN A 50 22.20 -0.99 -10.21
CA GLN A 50 22.62 -2.25 -10.81
C GLN A 50 24.11 -2.47 -10.68
N LEU A 51 24.93 -1.43 -10.84
CA LEU A 51 26.36 -1.54 -10.73
C LEU A 51 26.83 -1.79 -9.30
N ALA A 52 26.09 -1.28 -8.31
CA ALA A 52 26.42 -1.59 -6.92
C ALA A 52 26.12 -3.06 -6.62
N TRP A 53 24.97 -3.56 -7.09
CA TRP A 53 24.63 -4.96 -6.88
C TRP A 53 25.56 -5.86 -7.67
N GLU A 54 25.96 -5.45 -8.87
CA GLU A 54 26.89 -6.24 -9.67
C GLU A 54 28.25 -6.31 -9.00
N TRP A 55 28.74 -5.19 -8.50
CA TRP A 55 30.05 -5.17 -7.85
C TRP A 55 30.02 -6.00 -6.57
N MET A 56 28.88 -5.99 -5.86
CA MET A 56 28.74 -6.84 -4.68
C MET A 56 28.82 -8.32 -5.03
N GLY A 57 28.22 -8.74 -6.14
CA GLY A 57 28.33 -10.12 -6.57
C GLY A 57 29.74 -10.50 -6.93
N TYR A 58 30.47 -9.57 -7.56
CA TYR A 58 31.86 -9.82 -7.89
C TYR A 58 32.70 -10.02 -6.63
N SER A 59 32.47 -9.21 -5.61
CA SER A 59 33.24 -9.32 -4.38
C SER A 59 33.00 -10.64 -3.67
N SER A 60 31.75 -11.09 -3.62
CA SER A 60 31.45 -12.35 -2.93
C SER A 60 32.12 -13.53 -3.62
N ASP A 61 32.10 -13.56 -4.95
CA ASP A 61 32.78 -14.61 -5.69
C ASP A 61 34.29 -14.50 -5.57
N TYR A 62 34.82 -13.29 -5.38
CA TYR A 62 36.26 -13.12 -5.26
C TYR A 62 36.77 -13.59 -3.91
N LYS A 63 36.04 -13.28 -2.83
CA LYS A 63 36.49 -13.68 -1.50
C LYS A 63 36.55 -15.20 -1.35
N ASP A 64 35.53 -15.90 -1.85
CA ASP A 64 35.53 -17.35 -1.77
C ASP A 64 36.65 -17.95 -2.60
N ASN A 65 36.98 -17.32 -3.73
CA ASN A 65 37.92 -17.86 -4.69
C ASN A 65 39.33 -17.28 -4.56
N HIS A 66 39.53 -16.27 -3.72
CA HIS A 66 40.85 -15.64 -3.63
C HIS A 66 41.24 -15.28 -2.21
N GLY A 67 40.42 -15.63 -1.23
CA GLY A 67 40.77 -15.38 0.15
C GLY A 67 40.25 -14.08 0.75
N GLU A 68 40.68 -12.94 0.20
CA GLU A 68 40.29 -11.63 0.72
C GLU A 68 39.53 -10.86 -0.34
N TYR A 69 38.86 -9.79 0.10
CA TYR A 69 38.06 -8.97 -0.80
C TYR A 69 38.91 -8.28 -1.84
N PRO A 70 38.36 -8.05 -3.02
CA PRO A 70 39.09 -7.28 -4.04
C PRO A 70 39.13 -5.81 -3.69
N LYS A 71 40.04 -5.10 -4.36
CA LYS A 71 40.19 -3.66 -4.20
C LYS A 71 39.59 -2.97 -5.41
N SER A 72 38.70 -2.00 -5.16
CA SER A 72 38.04 -1.31 -6.25
C SER A 72 39.02 -0.55 -7.12
N LYS A 73 40.04 0.07 -6.51
CA LYS A 73 41.03 0.83 -7.26
C LYS A 73 41.80 -0.01 -8.27
N ASP A 74 41.90 -1.32 -8.06
CA ASP A 74 42.64 -2.19 -8.95
C ASP A 74 41.79 -2.87 -10.00
N ILE A 75 40.49 -3.04 -9.75
CA ILE A 75 39.61 -3.73 -10.69
C ILE A 75 38.68 -2.76 -11.40
N LEU A 76 37.96 -1.94 -10.65
CA LEU A 76 37.10 -0.91 -11.24
C LEU A 76 37.88 0.26 -11.80
N GLY A 77 39.04 0.58 -11.23
CA GLY A 77 39.79 1.76 -11.59
C GLY A 77 39.47 2.97 -10.77
N TYR A 78 38.63 2.84 -9.75
CA TYR A 78 38.23 3.96 -8.91
C TYR A 78 38.21 3.52 -7.46
N THR A 79 38.27 4.49 -6.56
CA THR A 79 38.28 4.23 -5.13
C THR A 79 36.88 4.02 -4.57
N ASN A 80 35.85 4.10 -5.40
CA ASN A 80 34.48 3.93 -4.96
C ASN A 80 33.66 3.42 -6.13
N VAL A 81 32.49 2.87 -5.82
CA VAL A 81 31.58 2.38 -6.84
C VAL A 81 30.92 3.58 -7.50
N HIS A 82 30.87 4.69 -6.79
CA HIS A 82 30.30 5.92 -7.30
C HIS A 82 31.06 6.46 -8.50
N GLY A 83 32.39 6.40 -8.47
CA GLY A 83 33.17 6.86 -9.61
C GLY A 83 33.01 5.99 -10.83
N TYR A 84 33.01 4.67 -10.67
CA TYR A 84 32.79 3.79 -11.81
C TYR A 84 31.40 3.97 -12.38
N ALA A 85 30.40 4.15 -11.51
CA ALA A 85 29.05 4.36 -11.99
C ALA A 85 28.95 5.63 -12.81
N TYR A 86 29.64 6.69 -12.39
CA TYR A 86 29.66 7.92 -13.16
C TYR A 86 30.31 7.71 -14.53
N HIS A 87 31.34 6.86 -14.59
CA HIS A 87 32.05 6.66 -15.85
C HIS A 87 31.20 5.91 -16.87
N THR A 88 30.28 5.06 -16.41
CA THR A 88 29.49 4.23 -17.32
C THR A 88 28.19 4.90 -17.74
N ILE A 89 27.56 5.64 -16.83
CA ILE A 89 26.28 6.30 -17.12
C ILE A 89 26.46 7.65 -17.80
N LYS A 90 27.66 8.22 -17.75
CA LYS A 90 27.93 9.50 -18.37
C LYS A 90 27.72 9.49 -19.89
N THR A 91 27.96 8.36 -20.54
CA THR A 91 27.84 8.27 -21.99
C THR A 91 26.41 8.12 -22.47
N LYS A 92 25.48 7.73 -21.60
CA LYS A 92 24.08 7.57 -21.97
C LYS A 92 23.18 8.65 -21.40
N ALA A 93 23.44 9.10 -20.19
CA ALA A 93 22.74 10.26 -19.62
C ALA A 93 23.61 11.50 -19.84
N TYR A 94 23.81 11.81 -21.11
CA TYR A 94 24.69 12.90 -21.54
C TYR A 94 24.00 14.25 -21.54
N ARG A 95 22.71 14.31 -21.23
CA ARG A 95 21.99 15.57 -21.18
C ARG A 95 22.06 16.25 -19.82
N LEU A 96 22.18 15.49 -18.74
CA LEU A 96 22.25 16.10 -17.43
C LEU A 96 23.59 16.81 -17.24
N ASN A 97 23.56 17.83 -16.40
CA ASN A 97 24.81 18.47 -15.96
C ASN A 97 25.66 17.44 -15.23
N SER A 98 26.97 17.54 -15.41
CA SER A 98 27.87 16.61 -14.76
C SER A 98 27.74 16.66 -13.25
N GLY A 99 27.63 17.87 -12.69
CA GLY A 99 27.42 18.01 -11.27
C GLY A 99 26.12 17.38 -10.82
N ASN A 100 25.02 17.67 -11.52
CA ASN A 100 23.73 17.10 -11.16
C ASN A 100 23.73 15.58 -11.29
N LEU A 101 24.39 15.05 -12.32
CA LEU A 101 24.46 13.60 -12.48
C LEU A 101 25.25 12.96 -11.35
N SER A 102 26.30 13.65 -10.87
CA SER A 102 27.10 13.09 -9.79
C SER A 102 26.30 12.97 -8.51
N GLN A 103 25.48 13.99 -8.18
CA GLN A 103 24.66 13.91 -6.99
C GLN A 103 23.57 12.85 -7.14
N THR A 104 22.99 12.74 -8.33
CA THR A 104 21.95 11.74 -8.57
C THR A 104 22.48 10.33 -8.37
N ILE A 105 23.67 10.06 -8.91
CA ILE A 105 24.29 8.74 -8.73
C ILE A 105 24.67 8.52 -7.26
N LYS A 106 25.14 9.56 -6.58
CA LYS A 106 25.57 9.39 -5.20
C LYS A 106 24.42 8.95 -4.31
N ARG A 107 23.21 9.43 -4.58
CA ARG A 107 22.05 8.99 -3.82
C ARG A 107 21.78 7.51 -4.01
N ALA A 108 21.95 7.01 -5.23
CA ALA A 108 21.65 5.61 -5.52
C ALA A 108 22.66 4.68 -4.83
N THR A 109 23.95 5.02 -4.90
CA THR A 109 24.97 4.16 -4.34
C THR A 109 25.04 4.23 -2.81
N ASP A 110 24.84 5.41 -2.22
CA ASP A 110 24.77 5.52 -0.77
C ASP A 110 23.59 4.75 -0.19
N ARG A 111 22.46 4.73 -0.88
CA ARG A 111 21.33 3.91 -0.43
C ARG A 111 21.71 2.43 -0.41
N PHE A 112 22.38 1.97 -1.46
CA PHE A 112 22.82 0.58 -1.50
C PHE A 112 23.85 0.29 -0.41
N LYS A 113 24.79 1.21 -0.20
CA LYS A 113 25.84 0.97 0.78
C LYS A 113 25.30 1.00 2.20
N ALA A 114 24.27 1.83 2.45
CA ALA A 114 23.71 1.91 3.79
C ALA A 114 23.00 0.62 4.18
N TYR A 115 22.24 0.03 3.24
CA TYR A 115 21.42 -1.14 3.53
C TYR A 115 21.98 -2.40 2.90
N GLN A 116 23.30 -2.52 2.81
CA GLN A 116 23.88 -3.66 2.10
C GLN A 116 23.65 -4.97 2.87
N LYS A 117 23.73 -4.92 4.19
CA LYS A 117 23.52 -6.14 4.98
C LYS A 117 22.10 -6.64 4.84
N GLU A 118 21.13 -5.73 4.90
CA GLU A 118 19.73 -6.13 4.76
C GLU A 118 19.44 -6.67 3.37
N ILE A 119 20.10 -6.10 2.35
CA ILE A 119 19.90 -6.58 0.99
C ILE A 119 20.42 -8.01 0.83
N LEU A 120 21.59 -8.30 1.42
CA LEU A 120 22.13 -9.66 1.33
C LEU A 120 21.29 -10.65 2.11
N ARG A 121 20.77 -10.25 3.27
CA ARG A 121 19.98 -11.15 4.10
C ARG A 121 18.56 -11.33 3.60
N GLY A 122 18.14 -10.57 2.59
CA GLY A 122 16.81 -10.68 2.07
C GLY A 122 15.77 -9.84 2.78
N ASP A 123 16.13 -9.17 3.87
CA ASP A 123 15.18 -8.34 4.60
C ASP A 123 14.76 -7.09 3.83
N MET A 124 15.57 -6.64 2.89
CA MET A 124 15.24 -5.45 2.11
C MET A 124 15.56 -5.71 0.65
N SER A 125 14.63 -5.32 -0.22
CA SER A 125 14.78 -5.48 -1.66
C SER A 125 15.64 -4.36 -2.22
N ILE A 126 16.23 -4.63 -3.37
CA ILE A 126 17.08 -3.66 -4.05
C ILE A 126 16.22 -2.50 -4.53
N PRO A 127 16.58 -1.25 -4.22
CA PRO A 127 15.71 -0.12 -4.54
C PRO A 127 15.47 0.04 -6.03
N SER A 128 14.22 0.34 -6.38
CA SER A 128 13.83 0.64 -7.75
C SER A 128 13.12 1.99 -7.77
N TYR A 129 13.43 2.79 -8.79
CA TYR A 129 13.06 4.18 -8.80
C TYR A 129 11.99 4.45 -9.84
N LYS A 130 11.07 5.35 -9.49
CA LYS A 130 9.85 5.55 -10.25
C LYS A 130 10.07 6.51 -11.43
N ARG A 131 9.01 6.72 -12.19
CA ARG A 131 9.08 7.50 -13.42
C ARG A 131 9.20 9.00 -13.13
N ASP A 132 8.47 9.49 -12.13
CA ASP A 132 8.43 10.92 -11.83
C ASP A 132 9.41 11.24 -10.71
N ILE A 133 10.69 10.99 -11.00
CA ILE A 133 11.78 11.24 -10.06
C ILE A 133 12.14 12.72 -10.09
N PRO A 134 12.32 13.36 -8.93
CA PRO A 134 12.75 14.77 -8.94
C PRO A 134 14.16 14.93 -9.51
N LEU A 135 14.41 16.11 -10.08
CA LEU A 135 15.68 16.43 -10.69
C LEU A 135 16.59 17.12 -9.68
N ASP A 136 17.82 16.65 -9.58
CA ASP A 136 18.75 17.17 -8.58
C ASP A 136 19.43 18.45 -9.06
N LEU A 137 19.79 19.29 -8.09
CA LEU A 137 20.47 20.55 -8.36
C LEU A 137 21.43 20.82 -7.21
N ILE A 138 22.70 21.04 -7.53
CA ILE A 138 23.71 21.25 -6.51
C ILE A 138 23.68 22.71 -6.05
N LYS A 139 24.31 23.00 -4.92
CA LYS A 139 24.43 24.37 -4.44
C LYS A 139 25.04 25.28 -5.49
N GLU A 140 26.10 24.81 -6.17
CA GLU A 140 26.79 25.63 -7.15
C GLU A 140 25.98 25.87 -8.41
N ASN A 141 24.90 25.10 -8.63
CA ASN A 141 24.09 25.22 -9.83
C ASN A 141 22.79 25.97 -9.61
N ILE A 142 22.64 26.62 -8.46
CA ILE A 142 21.45 27.39 -8.14
C ILE A 142 21.88 28.81 -7.80
N SER A 143 21.27 29.79 -8.45
CA SER A 143 21.59 31.19 -8.20
C SER A 143 20.31 31.99 -8.31
N VAL A 144 20.00 32.77 -7.27
CA VAL A 144 18.81 33.61 -7.25
C VAL A 144 19.24 35.06 -7.20
N ASN A 145 18.73 35.85 -8.15
CA ASN A 145 18.97 37.28 -8.18
C ASN A 145 17.64 37.97 -8.39
N ARG A 146 17.36 38.99 -7.59
CA ARG A 146 16.11 39.74 -7.71
C ARG A 146 16.41 41.09 -8.37
N MET A 147 15.62 41.42 -9.38
CA MET A 147 15.72 42.74 -9.97
C MET A 147 15.15 43.77 -9.00
N ASN A 148 15.45 45.04 -9.27
CA ASN A 148 14.96 46.11 -8.42
C ASN A 148 13.44 46.16 -8.43
N HIS A 149 12.83 45.92 -9.59
CA HIS A 149 11.39 46.05 -9.76
C HIS A 149 10.62 45.10 -8.87
N GLY A 150 11.26 44.04 -8.41
CA GLY A 150 10.60 43.10 -7.51
C GLY A 150 10.17 41.80 -8.15
N ASP A 151 11.01 41.22 -9.00
CA ASP A 151 10.71 39.95 -9.64
C ASP A 151 11.93 39.05 -9.50
N TYR A 152 11.77 37.94 -8.79
CA TYR A 152 12.90 37.05 -8.53
C TYR A 152 13.13 36.14 -9.73
N ILE A 153 14.40 35.98 -10.11
CA ILE A 153 14.81 35.11 -11.21
C ILE A 153 15.82 34.12 -10.66
N ALA A 154 15.59 32.84 -10.92
CA ALA A 154 16.48 31.78 -10.49
C ALA A 154 17.21 31.22 -11.69
N SER A 155 18.54 31.28 -11.65
CA SER A 155 19.37 30.74 -12.72
C SER A 155 19.77 29.32 -12.37
N LEU A 156 19.41 28.38 -13.25
CA LEU A 156 19.62 26.96 -13.01
C LEU A 156 20.55 26.41 -14.08
N SER A 157 21.46 25.53 -13.68
CA SER A 157 22.35 24.83 -14.60
C SER A 157 21.87 23.38 -14.69
N LEU A 158 21.08 23.09 -15.72
CA LEU A 158 20.47 21.78 -15.88
C LEU A 158 20.99 21.00 -17.06
N LEU A 159 21.82 21.59 -17.91
CA LEU A 159 22.20 20.97 -19.17
C LEU A 159 23.71 20.81 -19.26
N SER A 160 24.13 19.85 -20.05
CA SER A 160 25.53 19.60 -20.31
C SER A 160 25.99 20.36 -21.56
N ASN A 161 27.29 20.30 -21.82
CA ASN A 161 27.86 20.99 -22.97
C ASN A 161 27.31 20.45 -24.29
N PRO A 162 27.24 19.13 -24.50
CA PRO A 162 26.55 18.65 -25.70
C PRO A 162 25.10 19.07 -25.78
N ALA A 163 24.40 19.12 -24.64
CA ALA A 163 22.99 19.51 -24.64
C ALA A 163 22.82 20.99 -24.95
N LYS A 164 23.69 21.84 -24.43
CA LYS A 164 23.59 23.27 -24.69
C LYS A 164 23.90 23.63 -26.13
N GLN A 165 24.48 22.72 -26.90
CA GLN A 165 24.70 22.93 -28.32
C GLN A 165 23.72 22.15 -29.19
N GLU A 166 22.71 21.54 -28.57
CA GLU A 166 21.69 20.80 -29.30
C GLU A 166 20.35 21.49 -29.11
N MET A 167 20.12 22.01 -27.91
CA MET A 167 18.91 22.78 -27.60
C MET A 167 19.11 24.27 -27.77
N ASN A 168 20.30 24.71 -28.15
CA ASN A 168 20.62 26.13 -28.36
C ASN A 168 20.33 26.96 -27.11
N VAL A 169 20.90 26.56 -25.98
CA VAL A 169 20.80 27.30 -24.74
C VAL A 169 22.23 27.67 -24.34
N LYS A 170 22.65 28.87 -24.74
CA LYS A 170 24.05 29.25 -24.59
C LYS A 170 24.46 29.32 -23.12
N ARG A 171 23.60 29.88 -22.29
CA ARG A 171 23.92 30.05 -20.87
C ARG A 171 22.93 29.27 -20.01
N LYS A 172 22.99 29.49 -18.70
CA LYS A 172 22.08 28.83 -17.78
C LYS A 172 20.63 29.14 -18.15
N ILE A 173 19.72 28.31 -17.65
CA ILE A 173 18.30 28.47 -17.87
C ILE A 173 17.75 29.33 -16.74
N SER A 174 17.18 30.47 -17.10
CA SER A 174 16.61 31.37 -16.11
C SER A 174 15.11 31.19 -16.04
N VAL A 175 14.58 31.03 -14.84
CA VAL A 175 13.16 30.82 -14.62
C VAL A 175 12.69 31.81 -13.57
N ILE A 176 11.47 32.34 -13.77
CA ILE A 176 10.89 33.25 -12.79
C ILE A 176 10.16 32.43 -11.72
N ILE A 177 10.46 32.74 -10.46
CA ILE A 177 9.87 32.04 -9.32
C ILE A 177 9.07 33.04 -8.50
N ILE A 178 7.92 32.61 -8.00
CA ILE A 178 7.14 33.44 -7.10
C ILE A 178 7.73 33.37 -5.71
N VAL A 179 7.94 34.52 -5.10
CA VAL A 179 8.45 34.59 -3.74
C VAL A 179 7.55 35.51 -2.94
N ARG A 180 6.59 34.92 -2.23
CA ARG A 180 5.65 35.67 -1.41
C ARG A 180 5.46 34.96 -0.08
N GLY A 181 4.99 35.71 0.91
CA GLY A 181 4.69 35.13 2.21
C GLY A 181 5.96 34.79 2.97
N ALA A 182 5.94 33.66 3.68
CA ALA A 182 7.12 33.21 4.39
C ALA A 182 8.26 32.83 3.47
N GLY A 183 7.98 32.64 2.18
CA GLY A 183 9.03 32.38 1.22
C GLY A 183 9.84 33.63 0.93
N LYS A 184 9.24 34.79 1.18
CA LYS A 184 9.98 36.04 1.01
C LYS A 184 10.97 36.26 2.14
N THR A 185 10.61 35.90 3.36
CA THR A 185 11.55 35.99 4.47
C THR A 185 12.72 35.03 4.27
N ILE A 186 12.43 33.82 3.78
CA ILE A 186 13.49 32.84 3.58
C ILE A 186 14.41 33.26 2.44
N MET A 187 13.84 33.74 1.33
CA MET A 187 14.66 34.08 0.18
C MET A 187 15.51 35.31 0.42
N ASP A 188 14.94 36.35 1.04
CA ASP A 188 15.71 37.54 1.32
C ASP A 188 16.86 37.26 2.26
N ARG A 189 16.72 36.24 3.12
CA ARG A 189 17.84 35.82 3.95
C ARG A 189 18.86 35.02 3.15
N ILE A 190 18.41 34.24 2.18
CA ILE A 190 19.34 33.52 1.32
C ILE A 190 20.17 34.50 0.50
N LEU A 191 19.53 35.52 -0.07
CA LEU A 191 20.23 36.53 -0.84
C LEU A 191 21.16 37.39 -0.01
N SER A 192 21.04 37.34 1.32
CA SER A 192 21.92 38.07 2.21
C SER A 192 23.09 37.22 2.68
N GLY A 193 22.81 36.03 3.20
CA GLY A 193 23.86 35.15 3.64
C GLY A 193 23.58 34.43 4.93
N GLU A 194 22.46 34.76 5.57
CA GLU A 194 22.09 34.07 6.80
C GLU A 194 21.84 32.60 6.55
N TYR A 195 21.13 32.30 5.45
CA TYR A 195 20.87 30.91 5.07
C TYR A 195 21.74 30.55 3.87
N GLN A 196 22.28 29.34 3.89
CA GLN A 196 23.12 28.84 2.82
C GLN A 196 22.38 27.75 2.07
N VAL A 197 22.26 27.90 0.75
CA VAL A 197 21.53 26.93 -0.04
C VAL A 197 22.33 25.65 -0.16
N HIS A 198 21.70 24.53 0.15
CA HIS A 198 22.29 23.21 -0.02
C HIS A 198 21.73 22.57 -1.28
N ALA A 199 22.09 21.31 -1.50
CA ALA A 199 21.61 20.60 -2.69
C ALA A 199 20.09 20.55 -2.70
N SER A 200 19.51 20.89 -3.85
CA SER A 200 18.07 21.09 -3.97
C SER A 200 17.51 20.19 -5.05
N GLN A 201 16.21 20.32 -5.30
CA GLN A 201 15.49 19.45 -6.23
C GLN A 201 14.47 20.26 -7.01
N ILE A 202 14.03 19.69 -8.12
CA ILE A 202 12.91 20.21 -8.89
C ILE A 202 11.81 19.16 -8.87
N ILE A 203 10.62 19.56 -8.41
CA ILE A 203 9.52 18.63 -8.23
C ILE A 203 8.37 19.05 -9.13
N HIS A 204 7.56 18.07 -9.51
CA HIS A 204 6.38 18.30 -10.35
C HIS A 204 5.15 17.85 -9.57
N ASP A 205 4.16 18.73 -9.48
CA ASP A 205 2.90 18.43 -8.85
C ASP A 205 1.87 18.13 -9.94
N ASP A 206 1.36 16.90 -9.96
CA ASP A 206 0.48 16.47 -11.04
C ASP A 206 -0.91 17.07 -10.94
N ARG A 207 -1.36 17.40 -9.72
CA ARG A 207 -2.72 17.91 -9.56
C ARG A 207 -2.88 19.28 -10.21
N LYS A 208 -1.88 20.15 -10.10
CA LYS A 208 -1.98 21.52 -10.60
C LYS A 208 -1.11 21.78 -11.81
N ASN A 209 -0.29 20.81 -12.23
CA ASN A 209 0.63 20.97 -13.35
C ASN A 209 1.55 22.17 -13.13
N LYS A 210 2.23 22.14 -11.99
CA LYS A 210 3.12 23.21 -11.58
C LYS A 210 4.48 22.61 -11.21
N TRP A 211 5.53 23.36 -11.51
CA TRP A 211 6.90 22.96 -11.17
C TRP A 211 7.41 23.82 -10.04
N TYR A 212 7.90 23.17 -8.98
CA TYR A 212 8.40 23.86 -7.80
C TYR A 212 9.91 23.70 -7.70
N LEU A 213 10.56 24.74 -7.20
CA LEU A 213 12.00 24.71 -6.94
C LEU A 213 12.18 24.53 -5.44
N ASN A 214 12.21 23.28 -5.00
CA ASN A 214 12.42 22.96 -3.59
C ASN A 214 13.87 23.28 -3.23
N ILE A 215 14.07 24.36 -2.47
CA ILE A 215 15.40 24.83 -2.09
C ILE A 215 15.64 24.46 -0.64
N SER A 216 16.62 23.61 -0.40
CA SER A 216 17.04 23.28 0.96
C SER A 216 18.10 24.27 1.42
N TYR A 217 18.07 24.60 2.72
CA TYR A 217 18.94 25.64 3.24
C TYR A 217 19.29 25.33 4.68
N ASP A 218 20.31 26.03 5.18
CA ASP A 218 20.86 25.83 6.51
C ASP A 218 20.68 27.10 7.33
N PHE A 219 20.09 26.96 8.52
CA PHE A 219 19.83 28.11 9.38
C PHE A 219 20.16 27.78 10.82
N GLU A 220 20.70 28.78 11.53
CA GLU A 220 21.06 28.62 12.93
C GLU A 220 19.82 28.80 13.79
N PRO A 221 19.43 27.82 14.59
CA PRO A 221 18.21 27.94 15.38
C PRO A 221 18.35 29.00 16.47
N GLN A 222 17.22 29.60 16.83
CA GLN A 222 17.20 30.47 18.00
C GLN A 222 17.32 29.66 19.28
N THR A 223 18.04 30.21 20.24
CA THR A 223 18.33 29.52 21.51
C THR A 223 17.68 30.32 22.64
N ARG A 224 16.42 30.02 22.92
CA ARG A 224 15.74 30.63 24.04
C ARG A 224 16.29 30.10 25.36
N VAL A 225 16.23 30.93 26.39
CA VAL A 225 16.62 30.50 27.73
C VAL A 225 15.47 29.74 28.36
N LEU A 226 15.64 28.42 28.51
CA LEU A 226 14.59 27.58 29.06
C LEU A 226 15.21 26.60 30.04
N ASP A 227 14.63 26.52 31.24
CA ASP A 227 15.14 25.59 32.24
C ASP A 227 14.88 24.15 31.81
N LEU A 228 15.85 23.29 32.08
CA LEU A 228 15.76 21.90 31.67
C LEU A 228 15.03 21.03 32.69
N ASN A 229 14.65 21.58 33.83
CA ASN A 229 13.89 20.83 34.83
C ASN A 229 12.39 20.96 34.65
N LYS A 230 11.94 21.72 33.66
CA LYS A 230 10.52 21.89 33.37
C LYS A 230 10.16 20.94 32.25
N ILE A 231 9.19 20.04 32.51
CA ILE A 231 8.83 19.01 31.55
C ILE A 231 7.35 19.11 31.25
N MET A 232 7.02 19.09 29.96
CA MET A 232 5.66 18.95 29.49
C MET A 232 5.46 17.55 28.91
N GLY A 233 4.34 16.95 29.26
CA GLY A 233 4.02 15.61 28.78
C GLY A 233 2.88 15.65 27.80
N ILE A 234 2.98 14.81 26.78
CA ILE A 234 1.98 14.73 25.72
C ILE A 234 1.42 13.32 25.69
N ASP A 235 0.09 13.21 25.74
CA ASP A 235 -0.60 11.93 25.69
C ASP A 235 -1.63 11.97 24.57
N LEU A 236 -1.45 11.11 23.56
CA LEU A 236 -2.42 11.00 22.49
C LEU A 236 -3.65 10.26 23.00
N GLY A 237 -4.70 10.99 23.35
CA GLY A 237 -5.81 10.46 24.11
C GLY A 237 -6.84 9.73 23.28
N VAL A 238 -7.94 9.37 23.96
CA VAL A 238 -9.03 8.62 23.35
C VAL A 238 -10.21 9.50 23.00
N ALA A 239 -10.49 10.50 23.83
CA ALA A 239 -11.52 11.49 23.52
C ALA A 239 -10.93 12.81 23.05
N VAL A 240 -9.61 12.98 23.18
CA VAL A 240 -8.91 14.20 22.78
C VAL A 240 -7.69 13.79 21.96
N ALA A 241 -7.40 14.54 20.90
CA ALA A 241 -6.29 14.19 20.03
C ALA A 241 -4.97 14.17 20.79
N ALA A 242 -4.75 15.15 21.66
CA ALA A 242 -3.54 15.20 22.47
C ALA A 242 -3.81 16.02 23.72
N TYR A 243 -3.25 15.59 24.84
CA TYR A 243 -3.40 16.28 26.11
C TYR A 243 -2.03 16.61 26.68
N MET A 244 -1.93 17.80 27.28
CA MET A 244 -0.66 18.28 27.81
C MET A 244 -0.83 18.71 29.26
N ALA A 245 0.08 18.24 30.12
CA ALA A 245 0.06 18.58 31.53
C ALA A 245 1.49 18.80 32.02
N PHE A 246 1.60 19.53 33.12
CA PHE A 246 2.90 19.80 33.72
C PHE A 246 2.87 19.39 35.18
N GLN A 247 4.03 19.00 35.71
CA GLN A 247 4.10 18.57 37.10
C GLN A 247 4.04 19.75 38.05
N HIS A 248 4.71 20.86 37.71
CA HIS A 248 4.81 21.97 38.63
C HIS A 248 3.51 22.77 38.71
N THR A 249 2.85 22.99 37.59
CA THR A 249 1.63 23.79 37.61
C THR A 249 0.42 22.95 37.21
N PRO A 250 -0.74 23.20 37.82
CA PRO A 250 -1.97 22.49 37.46
C PRO A 250 -2.65 23.07 36.22
N ALA A 251 -1.87 23.31 35.18
CA ALA A 251 -2.38 23.86 33.93
C ALA A 251 -2.50 22.75 32.89
N ARG A 252 -3.62 22.76 32.18
CA ARG A 252 -3.88 21.76 31.15
C ARG A 252 -4.06 22.47 29.82
N TYR A 253 -3.58 21.83 28.77
CA TYR A 253 -3.83 22.31 27.42
C TYR A 253 -4.20 21.13 26.55
N LYS A 254 -5.39 21.18 25.95
CA LYS A 254 -5.94 20.04 25.23
C LYS A 254 -6.17 20.42 23.78
N LEU A 255 -5.85 19.51 22.87
CA LEU A 255 -6.12 19.69 21.45
C LEU A 255 -7.30 18.81 21.09
N GLU A 256 -8.51 19.33 21.29
CA GLU A 256 -9.71 18.61 20.89
C GLU A 256 -9.72 18.45 19.38
N GLY A 257 -10.01 17.23 18.92
CA GLY A 257 -9.94 16.91 17.51
C GLY A 257 -10.79 17.76 16.60
N GLY A 258 -12.12 17.64 16.73
CA GLY A 258 -13.01 18.34 15.84
C GLY A 258 -13.21 17.61 14.53
N GLU A 259 -12.18 17.62 13.68
CA GLU A 259 -12.19 16.92 12.41
C GLU A 259 -10.87 16.18 12.24
N ILE A 260 -10.89 14.86 12.40
CA ILE A 260 -9.67 14.07 12.28
C ILE A 260 -9.84 12.98 11.23
N GLU A 261 -10.73 12.02 11.50
CA GLU A 261 -11.01 10.96 10.54
C GLU A 261 -12.28 11.20 9.75
N ASN A 262 -12.98 12.31 10.01
CA ASN A 262 -14.09 12.71 9.14
C ASN A 262 -13.60 12.84 7.71
N PHE A 263 -12.36 13.32 7.54
CA PHE A 263 -11.81 13.47 6.19
C PHE A 263 -11.46 12.12 5.58
N ARG A 264 -10.82 11.23 6.35
CA ARG A 264 -10.37 9.97 5.79
C ARG A 264 -11.54 9.10 5.35
N ARG A 265 -12.57 9.00 6.19
CA ARG A 265 -13.72 8.16 5.85
C ARG A 265 -14.47 8.70 4.65
N GLN A 266 -14.57 10.02 4.53
CA GLN A 266 -15.28 10.62 3.41
C GLN A 266 -14.46 10.64 2.13
N VAL A 267 -13.18 10.30 2.18
CA VAL A 267 -12.36 10.19 0.99
C VAL A 267 -12.27 8.74 0.50
N GLU A 268 -12.07 7.79 1.43
CA GLU A 268 -12.05 6.39 1.05
C GLU A 268 -13.41 5.93 0.55
N SER A 269 -14.49 6.41 1.15
CA SER A 269 -15.83 6.02 0.71
C SER A 269 -16.06 6.40 -0.74
N ARG A 270 -15.64 7.61 -1.12
CA ARG A 270 -15.71 8.02 -2.53
C ARG A 270 -14.79 7.18 -3.39
N ARG A 271 -13.59 6.88 -2.90
CA ARG A 271 -12.63 6.11 -3.69
C ARG A 271 -13.14 4.70 -3.98
N ILE A 272 -13.70 4.04 -2.97
CA ILE A 272 -14.28 2.72 -3.18
C ILE A 272 -15.54 2.83 -4.03
N SER A 273 -16.36 3.85 -3.78
CA SER A 273 -17.58 4.03 -4.57
C SER A 273 -17.25 4.28 -6.03
N MET A 274 -16.21 5.05 -6.31
CA MET A 274 -15.82 5.31 -7.69
C MET A 274 -15.32 4.04 -8.36
N LEU A 275 -14.47 3.27 -7.69
CA LEU A 275 -13.94 2.04 -8.28
C LEU A 275 -15.04 1.01 -8.49
N ARG A 276 -15.91 0.83 -7.50
CA ARG A 276 -17.03 -0.10 -7.65
C ARG A 276 -17.94 0.32 -8.79
N GLN A 277 -18.09 1.62 -9.01
CA GLN A 277 -18.90 2.11 -10.12
C GLN A 277 -18.30 1.77 -11.47
N GLY A 278 -17.00 1.45 -11.52
CA GLY A 278 -16.36 1.14 -12.79
C GLY A 278 -16.84 -0.15 -13.40
N LYS A 279 -17.35 -1.08 -12.58
CA LYS A 279 -17.89 -2.31 -13.11
C LYS A 279 -19.09 -2.07 -14.02
N TYR A 280 -19.89 -1.05 -13.71
CA TYR A 280 -21.04 -0.67 -14.51
C TYR A 280 -20.92 0.83 -14.79
N ALA A 281 -20.19 1.17 -15.86
CA ALA A 281 -19.90 2.57 -16.14
C ALA A 281 -20.07 2.88 -17.62
N GLY A 282 -19.72 4.11 -18.00
CA GLY A 282 -19.81 4.50 -19.39
C GLY A 282 -18.85 3.73 -20.26
N GLY A 283 -19.14 3.72 -21.56
CA GLY A 283 -18.32 2.96 -22.49
C GLY A 283 -16.90 3.47 -22.59
N ALA A 284 -16.72 4.79 -22.47
CA ALA A 284 -15.40 5.39 -22.61
C ALA A 284 -14.46 5.08 -21.46
N ARG A 285 -14.97 4.65 -20.30
CA ARG A 285 -14.12 4.38 -19.15
C ARG A 285 -13.39 3.06 -19.26
N GLY A 286 -13.81 2.17 -20.16
CA GLY A 286 -13.14 0.91 -20.35
C GLY A 286 -12.50 0.82 -21.72
N GLY A 287 -11.42 0.06 -21.78
CA GLY A 287 -10.69 -0.12 -23.03
C GLY A 287 -9.55 0.84 -23.26
N HIS A 288 -9.11 1.57 -22.23
CA HIS A 288 -8.01 2.51 -22.37
C HIS A 288 -6.99 2.33 -21.25
N GLY A 289 -6.75 1.10 -20.83
CA GLY A 289 -5.71 0.83 -19.86
C GLY A 289 -6.14 1.09 -18.43
N ARG A 290 -5.15 0.95 -17.54
CA ARG A 290 -5.41 1.03 -16.11
C ARG A 290 -5.60 2.48 -15.66
N ASP A 291 -4.87 3.41 -16.25
CA ASP A 291 -4.95 4.80 -15.81
C ASP A 291 -6.32 5.41 -16.10
N LYS A 292 -6.86 5.15 -17.28
CA LYS A 292 -8.15 5.73 -17.66
C LYS A 292 -9.34 5.06 -16.99
N ARG A 293 -9.12 3.91 -16.34
CA ARG A 293 -10.17 3.23 -15.60
C ARG A 293 -10.17 3.60 -14.12
N ILE A 294 -9.00 3.89 -13.57
CA ILE A 294 -8.87 4.34 -12.19
C ILE A 294 -8.82 5.87 -12.20
N LYS A 295 -9.06 6.44 -13.39
CA LYS A 295 -8.99 7.89 -13.54
C LYS A 295 -9.89 8.67 -12.59
N PRO A 296 -11.14 8.27 -12.33
CA PRO A 296 -11.99 9.10 -11.45
C PRO A 296 -11.43 9.32 -10.06
N ILE A 297 -10.57 8.45 -9.54
CA ILE A 297 -10.07 8.65 -8.18
C ILE A 297 -8.76 9.41 -8.20
N GLU A 298 -8.35 9.88 -9.38
CA GLU A 298 -7.14 10.69 -9.50
C GLU A 298 -7.34 12.11 -8.98
N GLN A 299 -8.58 12.50 -8.70
CA GLN A 299 -8.83 13.75 -7.97
C GLN A 299 -8.62 13.59 -6.47
N LEU A 300 -8.59 12.36 -5.98
CA LEU A 300 -8.33 12.06 -4.57
C LEU A 300 -6.89 11.64 -4.35
N ARG A 301 -5.96 12.24 -5.09
CA ARG A 301 -4.57 11.80 -5.06
C ARG A 301 -3.98 11.89 -3.67
N ASP A 302 -3.93 13.09 -3.10
CA ASP A 302 -3.30 13.29 -1.81
C ASP A 302 -4.13 14.19 -0.92
N LYS A 303 -5.46 14.11 -1.03
CA LYS A 303 -6.30 14.91 -0.15
C LYS A 303 -6.14 14.49 1.31
N ILE A 304 -6.09 13.18 1.56
CA ILE A 304 -5.90 12.70 2.92
C ILE A 304 -4.50 13.06 3.41
N ALA A 305 -3.48 12.81 2.58
CA ALA A 305 -2.11 13.07 2.99
C ALA A 305 -1.90 14.56 3.27
N ASN A 306 -2.46 15.43 2.43
CA ASN A 306 -2.33 16.86 2.64
C ASN A 306 -3.12 17.35 3.84
N PHE A 307 -4.31 16.78 4.09
CA PHE A 307 -5.07 17.18 5.27
C PHE A 307 -4.40 16.73 6.55
N ARG A 308 -3.86 15.51 6.57
CA ARG A 308 -3.16 15.03 7.76
C ARG A 308 -1.83 15.75 7.95
N ASP A 309 -1.21 16.23 6.86
CA ASP A 309 0.02 17.00 6.96
C ASP A 309 -0.21 18.38 7.53
N THR A 310 -1.22 19.10 7.06
CA THR A 310 -1.51 20.43 7.58
C THR A 310 -2.07 20.37 9.00
N THR A 311 -2.95 19.42 9.28
CA THR A 311 -3.51 19.30 10.62
C THR A 311 -2.41 18.99 11.64
N ASN A 312 -1.51 18.07 11.30
CA ASN A 312 -0.41 17.76 12.21
C ASN A 312 0.56 18.91 12.33
N HIS A 313 0.68 19.74 11.28
CA HIS A 313 1.50 20.94 11.37
C HIS A 313 0.94 21.91 12.39
N ARG A 314 -0.39 22.09 12.41
CA ARG A 314 -1.01 22.97 13.39
C ARG A 314 -0.84 22.44 14.80
N TYR A 315 -1.04 21.13 14.99
CA TYR A 315 -0.96 20.54 16.31
C TYR A 315 0.45 20.67 16.89
N SER A 316 1.47 20.41 16.09
CA SER A 316 2.83 20.49 16.57
C SER A 316 3.21 21.92 16.94
N ARG A 317 2.75 22.89 16.17
CA ARG A 317 3.02 24.30 16.49
C ARG A 317 2.34 24.70 17.79
N TYR A 318 1.10 24.24 17.99
CA TYR A 318 0.39 24.55 19.22
C TYR A 318 1.09 23.94 20.43
N ILE A 319 1.59 22.70 20.27
CA ILE A 319 2.25 22.02 21.39
C ILE A 319 3.56 22.72 21.74
N VAL A 320 4.36 23.06 20.73
CA VAL A 320 5.65 23.70 20.99
C VAL A 320 5.45 25.09 21.57
N ASP A 321 4.43 25.81 21.10
CA ASP A 321 4.17 27.14 21.65
C ASP A 321 3.80 27.10 23.12
N MET A 322 3.03 26.10 23.54
CA MET A 322 2.72 25.95 24.96
C MET A 322 3.97 25.65 25.77
N ALA A 323 4.89 24.85 25.23
CA ALA A 323 6.13 24.57 25.94
C ALA A 323 6.97 25.82 26.11
N ILE A 324 7.05 26.66 25.08
CA ILE A 324 7.76 27.93 25.19
C ILE A 324 7.03 28.90 26.11
N LYS A 325 5.70 28.96 26.04
CA LYS A 325 4.93 29.87 26.86
C LYS A 325 5.06 29.57 28.34
N MET A 326 5.13 28.29 28.72
CA MET A 326 5.27 27.90 30.11
C MET A 326 6.72 27.73 30.54
N GLY A 327 7.68 28.00 29.65
CA GLY A 327 9.08 27.89 30.01
C GLY A 327 9.64 26.50 30.01
N CYS A 328 8.90 25.52 29.48
CA CYS A 328 9.34 24.14 29.52
C CYS A 328 10.56 23.93 28.62
N GLY A 329 11.46 23.06 29.09
CA GLY A 329 12.68 22.79 28.36
C GLY A 329 12.76 21.37 27.84
N THR A 330 12.07 20.45 28.50
CA THR A 330 12.03 19.06 28.08
C THR A 330 10.59 18.67 27.79
N ILE A 331 10.37 18.02 26.65
CA ILE A 331 9.06 17.50 26.28
C ILE A 331 9.15 15.99 26.23
N GLN A 332 8.44 15.32 27.15
CA GLN A 332 8.41 13.87 27.21
C GLN A 332 7.12 13.38 26.57
N MET A 333 7.23 12.44 25.64
CA MET A 333 6.05 11.82 25.06
C MET A 333 6.22 10.31 25.02
N GLU A 334 5.26 9.60 24.41
CA GLU A 334 5.25 8.15 24.39
C GLU A 334 6.04 7.61 23.20
N ASP A 335 6.69 6.49 23.43
CA ASP A 335 7.37 5.74 22.37
C ASP A 335 6.38 4.68 21.88
N LEU A 336 5.62 5.03 20.84
CA LEU A 336 4.54 4.18 20.38
C LEU A 336 5.03 3.11 19.41
N THR A 337 6.33 2.83 19.42
CA THR A 337 6.86 1.74 18.63
C THR A 337 6.31 0.39 19.10
N ASN A 338 5.99 0.29 20.40
CA ASN A 338 5.45 -0.93 20.97
C ASN A 338 4.02 -1.22 20.49
N ILE A 339 3.38 -0.27 19.81
CA ILE A 339 2.04 -0.45 19.26
C ILE A 339 1.07 -0.70 20.41
N ARG A 340 0.74 0.35 21.16
CA ARG A 340 -0.07 0.22 22.37
C ARG A 340 -1.43 0.87 22.15
N ASP A 341 -2.49 0.08 22.32
CA ASP A 341 -3.87 0.57 22.35
C ASP A 341 -4.20 1.41 21.11
N ILE A 342 -4.14 0.75 19.97
CA ILE A 342 -4.37 1.41 18.68
C ILE A 342 -5.85 1.33 18.32
N GLY A 343 -6.33 2.28 17.52
CA GLY A 343 -7.71 2.29 17.10
C GLY A 343 -8.63 2.94 18.11
N SER A 344 -8.53 2.54 19.38
CA SER A 344 -9.38 3.10 20.41
C SER A 344 -9.01 4.52 20.79
N ARG A 345 -7.80 4.97 20.42
CA ARG A 345 -7.43 6.36 20.64
C ARG A 345 -8.31 7.26 19.79
N PHE A 346 -8.31 8.56 20.13
CA PHE A 346 -9.15 9.51 19.40
C PHE A 346 -8.78 9.48 17.92
N LEU A 347 -7.50 9.65 17.61
CA LEU A 347 -7.02 9.36 16.27
C LEU A 347 -7.04 7.85 16.04
N GLN A 348 -7.54 7.45 14.88
CA GLN A 348 -7.74 6.03 14.62
C GLN A 348 -6.75 5.50 13.60
N ASN A 349 -6.75 6.07 12.40
CA ASN A 349 -5.75 5.74 11.38
C ASN A 349 -4.82 6.91 11.10
N TRP A 350 -4.75 7.87 12.02
CA TRP A 350 -3.94 9.06 11.85
C TRP A 350 -2.46 8.70 11.85
N THR A 351 -1.65 9.66 11.43
CA THR A 351 -0.20 9.46 11.32
C THR A 351 0.43 9.93 12.62
N TYR A 352 0.41 9.06 13.64
CA TYR A 352 0.99 9.39 14.93
C TYR A 352 2.49 9.58 14.86
N TYR A 353 3.14 9.13 13.79
CA TYR A 353 4.56 9.34 13.61
C TYR A 353 4.87 10.68 12.95
N ASP A 354 3.97 11.17 12.11
CA ASP A 354 4.12 12.52 11.56
C ASP A 354 3.97 13.57 12.65
N LEU A 355 3.05 13.35 13.59
CA LEU A 355 2.91 14.26 14.71
C LEU A 355 4.16 14.26 15.58
N GLN A 356 4.70 13.07 15.85
CA GLN A 356 5.89 13.00 16.69
C GLN A 356 7.12 13.51 15.96
N GLN A 357 7.24 13.23 14.66
CA GLN A 357 8.37 13.72 13.89
C GLN A 357 8.35 15.24 13.80
N LYS A 358 7.15 15.83 13.69
CA LYS A 358 7.04 17.28 13.58
C LYS A 358 7.40 17.96 14.90
N ILE A 359 6.96 17.39 16.02
CA ILE A 359 7.26 17.98 17.32
C ILE A 359 8.77 18.04 17.55
N ILE A 360 9.48 17.00 17.10
CA ILE A 360 10.92 16.95 17.35
C ILE A 360 11.63 18.09 16.64
N TYR A 361 11.36 18.30 15.35
CA TYR A 361 12.08 19.33 14.62
C TYR A 361 11.55 20.72 14.92
N LYS A 362 10.33 20.82 15.45
CA LYS A 362 9.83 22.13 15.88
C LYS A 362 10.20 22.45 17.33
N ALA A 363 10.63 21.45 18.09
CA ALA A 363 11.16 21.70 19.43
C ALA A 363 12.64 21.99 19.43
N GLU A 364 13.40 21.45 18.48
CA GLU A 364 14.81 21.75 18.39
C GLU A 364 15.08 23.16 17.85
N GLU A 365 14.18 23.69 17.03
CA GLU A 365 14.28 25.10 16.67
C GLU A 365 14.08 26.00 17.87
N ALA A 366 13.30 25.57 18.86
CA ALA A 366 13.06 26.33 20.07
C ALA A 366 14.04 25.99 21.19
N GLY A 367 14.97 25.07 20.95
CA GLY A 367 15.91 24.66 21.98
C GLY A 367 15.26 23.82 23.05
N ILE A 368 14.28 23.00 22.67
CA ILE A 368 13.55 22.14 23.60
C ILE A 368 13.96 20.70 23.33
N LYS A 369 14.37 20.00 24.37
CA LYS A 369 14.75 18.60 24.24
C LYS A 369 13.52 17.71 24.30
N VAL A 370 13.55 16.63 23.52
CA VAL A 370 12.44 15.70 23.42
C VAL A 370 12.93 14.32 23.84
N ILE A 371 12.19 13.69 24.75
CA ILE A 371 12.55 12.39 25.30
C ILE A 371 11.34 11.48 25.13
N LYS A 372 11.50 10.42 24.36
CA LYS A 372 10.46 9.40 24.28
C LYS A 372 10.64 8.38 25.40
N ILE A 373 9.54 8.05 26.06
CA ILE A 373 9.57 7.10 27.17
C ILE A 373 8.73 5.89 26.78
N ASP A 374 8.95 4.79 27.51
CA ASP A 374 8.27 3.54 27.19
C ASP A 374 6.90 3.52 27.86
N PRO A 375 5.82 3.53 27.08
CA PRO A 375 4.48 3.52 27.68
C PRO A 375 4.15 2.17 28.27
N GLN A 376 4.19 2.08 29.60
CA GLN A 376 3.83 0.84 30.29
C GLN A 376 3.04 1.27 31.53
N TYR A 377 1.73 1.03 31.49
CA TYR A 377 0.78 1.37 32.54
C TYR A 377 0.73 2.88 32.76
N THR A 378 1.11 3.69 31.78
CA THR A 378 1.13 5.13 31.97
C THR A 378 -0.26 5.69 32.27
N SER A 379 -1.27 5.21 31.55
CA SER A 379 -2.64 5.66 31.75
C SER A 379 -3.31 4.97 32.93
N GLN A 380 -2.65 3.99 33.54
CA GLN A 380 -3.21 3.28 34.68
C GLN A 380 -2.69 3.75 36.02
N ARG A 381 -1.60 4.51 36.05
CA ARG A 381 -0.95 4.92 37.28
C ARG A 381 -1.53 6.27 37.72
N CYS A 382 -2.17 6.28 38.88
CA CYS A 382 -2.60 7.52 39.51
C CYS A 382 -1.40 8.41 39.78
N SER A 383 -1.49 9.67 39.35
CA SER A 383 -0.35 10.57 39.36
C SER A 383 -0.11 11.23 40.71
N GLU A 384 -1.05 11.13 41.64
CA GLU A 384 -0.86 11.71 42.97
C GLU A 384 -0.29 10.68 43.93
N CYS A 385 -1.03 9.60 44.17
CA CYS A 385 -0.61 8.59 45.13
C CYS A 385 0.55 7.76 44.59
N GLY A 386 0.47 7.33 43.34
CA GLY A 386 1.48 6.47 42.78
C GLY A 386 1.19 5.00 43.03
N ASN A 387 -0.02 4.57 42.68
CA ASN A 387 -0.45 3.19 42.88
C ASN A 387 -0.99 2.68 41.56
N ILE A 388 -0.26 1.74 40.93
CA ILE A 388 -0.63 1.23 39.62
C ILE A 388 -1.62 0.09 39.78
N ASP A 389 -2.91 0.41 39.85
CA ASP A 389 -3.94 -0.62 39.86
C ASP A 389 -3.98 -1.31 38.51
N SER A 390 -3.77 -2.63 38.48
CA SER A 390 -3.75 -3.36 37.22
C SER A 390 -5.04 -3.18 36.44
N GLY A 391 -6.17 -3.04 37.14
CA GLY A 391 -7.41 -2.66 36.50
C GLY A 391 -7.91 -1.38 37.14
N ASN A 392 -7.91 -0.28 36.38
CA ASN A 392 -8.31 1.01 36.95
C ASN A 392 -9.76 0.99 37.40
N ARG A 393 -10.68 0.90 36.44
CA ARG A 393 -12.13 1.00 36.66
C ARG A 393 -12.83 1.12 35.32
N ILE A 394 -13.04 2.36 34.87
CA ILE A 394 -13.68 2.60 33.59
C ILE A 394 -12.65 2.45 32.47
N GLY A 395 -13.14 2.11 31.28
CA GLY A 395 -12.25 2.02 30.13
C GLY A 395 -11.64 3.36 29.76
N GLN A 396 -12.44 4.41 29.84
CA GLN A 396 -12.00 5.75 29.45
C GLN A 396 -12.68 6.76 30.37
N ALA A 397 -12.65 8.03 29.96
CA ALA A 397 -13.38 9.12 30.63
C ALA A 397 -12.85 9.25 32.06
N ILE A 398 -13.74 9.33 33.06
CA ILE A 398 -13.30 9.56 34.42
C ILE A 398 -12.50 8.37 34.92
N PHE A 399 -11.43 8.66 35.67
CA PHE A 399 -10.54 7.65 36.24
C PHE A 399 -10.41 7.94 37.73
N LYS A 400 -10.87 7.00 38.55
CA LYS A 400 -10.76 7.11 40.00
C LYS A 400 -9.98 5.93 40.54
N CYS A 401 -8.83 6.19 41.15
CA CYS A 401 -8.00 5.17 41.76
C CYS A 401 -8.54 4.85 43.15
N ARG A 402 -8.10 3.75 43.75
CA ARG A 402 -8.47 3.45 45.13
C ARG A 402 -7.20 3.36 45.97
N ALA A 403 -6.61 4.52 46.26
CA ALA A 403 -5.75 4.71 47.41
C ALA A 403 -5.94 6.13 47.91
N CYS A 404 -6.52 6.96 47.04
CA CYS A 404 -6.55 8.40 47.23
C CYS A 404 -7.86 9.05 46.82
N GLY A 405 -8.72 8.36 46.08
CA GLY A 405 -9.94 8.98 45.60
C GLY A 405 -9.74 10.09 44.60
N TYR A 406 -8.60 10.10 43.91
CA TYR A 406 -8.30 11.18 42.99
C TYR A 406 -9.12 11.03 41.72
N GLU A 407 -9.87 12.07 41.38
CA GLU A 407 -10.75 12.07 40.22
C GLU A 407 -10.28 13.09 39.18
N ALA A 408 -10.14 12.63 37.94
CA ALA A 408 -9.77 13.49 36.83
C ALA A 408 -10.01 12.72 35.54
N ASN A 409 -9.92 13.42 34.41
CA ASN A 409 -10.02 12.76 33.12
C ASN A 409 -8.88 11.77 32.95
N ALA A 410 -9.16 10.65 32.27
CA ALA A 410 -8.13 9.66 32.03
C ALA A 410 -7.01 10.20 31.15
N ASP A 411 -7.23 11.28 30.43
CA ASP A 411 -6.21 11.89 29.60
C ASP A 411 -5.38 12.92 30.32
N TYR A 412 -5.83 13.41 31.48
CA TYR A 412 -5.02 14.30 32.29
C TYR A 412 -4.11 13.57 33.26
N ASN A 413 -4.53 12.38 33.72
CA ASN A 413 -3.65 11.55 34.52
C ASN A 413 -2.66 10.77 33.66
N ALA A 414 -2.92 10.66 32.36
CA ALA A 414 -1.96 10.09 31.44
C ALA A 414 -1.02 11.13 30.87
N ALA A 415 -1.27 12.41 31.13
CA ALA A 415 -0.34 13.48 30.79
C ALA A 415 0.39 14.03 31.99
N ARG A 416 -0.15 13.87 33.20
CA ARG A 416 0.58 14.17 34.42
C ARG A 416 1.57 13.07 34.80
N ASN A 417 1.46 11.90 34.18
CA ASN A 417 2.41 10.82 34.38
C ASN A 417 3.63 10.94 33.48
N ILE A 418 3.42 11.11 32.17
CA ILE A 418 4.52 11.31 31.24
C ILE A 418 5.36 12.52 31.59
N ALA A 419 4.77 13.50 32.28
CA ALA A 419 5.47 14.72 32.65
C ALA A 419 6.42 14.54 33.83
N ILE A 420 6.40 13.37 34.48
CA ILE A 420 7.26 13.09 35.62
C ILE A 420 8.63 12.67 35.10
N PRO A 421 9.71 13.30 35.56
CA PRO A 421 11.04 12.92 35.06
C PRO A 421 11.40 11.50 35.45
N ASN A 422 11.96 10.77 34.48
CA ASN A 422 12.46 9.41 34.68
C ASN A 422 11.37 8.50 35.27
N ILE A 423 10.14 8.69 34.80
CA ILE A 423 9.05 7.83 35.21
C ILE A 423 9.19 6.42 34.65
N ASP A 424 9.89 6.26 33.52
CA ASP A 424 10.05 4.93 32.94
C ASP A 424 10.75 3.99 33.91
N LYS A 425 11.75 4.49 34.63
CA LYS A 425 12.38 3.68 35.66
C LYS A 425 11.45 3.48 36.86
N ILE A 426 10.67 4.50 37.21
CA ILE A 426 9.80 4.42 38.38
C ILE A 426 8.72 3.36 38.18
N ILE A 427 8.11 3.30 37.00
CA ILE A 427 7.00 2.37 36.81
C ILE A 427 7.46 0.92 36.95
N ALA A 428 8.65 0.59 36.44
CA ALA A 428 9.14 -0.78 36.57
C ALA A 428 9.32 -1.17 38.03
N GLU A 429 9.85 -0.27 38.85
CA GLU A 429 10.09 -0.56 40.25
C GLU A 429 8.80 -0.53 41.06
N SER A 430 7.67 -0.46 40.37
CA SER A 430 6.37 -0.60 41.01
C SER A 430 5.67 -1.91 40.69
N ILE A 431 6.24 -2.74 39.82
CA ILE A 431 5.64 -4.01 39.45
C ILE A 431 6.56 -5.19 39.69
N LYS A 432 7.88 -5.01 39.71
CA LYS A 432 8.82 -6.10 39.91
C LYS A 432 8.64 -6.76 41.26
N MET E 11 -8.57 -22.82 -14.43
CA MET E 11 -7.68 -23.92 -14.78
C MET E 11 -6.70 -24.25 -13.65
N ILE E 12 -5.71 -23.39 -13.46
CA ILE E 12 -4.68 -23.58 -12.44
C ILE E 12 -5.02 -22.65 -11.28
N LYS E 13 -5.55 -23.23 -10.21
CA LYS E 13 -5.92 -22.50 -9.01
C LYS E 13 -5.24 -23.12 -7.80
N VAL E 14 -5.08 -22.32 -6.74
CA VAL E 14 -4.34 -22.72 -5.56
C VAL E 14 -5.27 -22.73 -4.36
N TYR E 15 -4.87 -23.45 -3.32
CA TYR E 15 -5.60 -23.47 -2.06
C TYR E 15 -4.65 -23.84 -0.94
N ARG E 16 -4.69 -23.10 0.16
CA ARG E 16 -3.79 -23.34 1.28
C ARG E 16 -4.32 -24.44 2.19
N TYR E 17 -3.40 -25.26 2.69
CA TYR E 17 -3.71 -26.32 3.65
C TYR E 17 -2.66 -26.23 4.75
N GLU E 18 -3.02 -25.65 5.88
CA GLU E 18 -2.05 -25.46 6.95
C GLU E 18 -1.55 -26.81 7.47
N ILE E 19 -0.25 -26.89 7.70
CA ILE E 19 0.40 -28.11 8.14
C ILE E 19 0.17 -28.25 9.65
N VAL E 20 -0.38 -29.40 10.06
CA VAL E 20 -0.64 -29.63 11.47
C VAL E 20 0.65 -29.97 12.21
N LYS E 21 1.29 -31.07 11.82
CA LYS E 21 2.46 -31.60 12.51
C LYS E 21 3.19 -32.58 11.62
N PRO E 22 4.51 -32.73 11.78
CA PRO E 22 5.21 -33.80 11.07
C PRO E 22 4.74 -35.16 11.55
N LEU E 23 4.70 -36.11 10.62
CA LEU E 23 4.14 -37.42 10.92
C LEU E 23 5.17 -38.36 11.53
N ASP E 24 6.44 -38.21 11.19
CA ASP E 24 7.49 -39.04 11.75
C ASP E 24 8.60 -38.24 12.42
N LEU E 25 8.69 -36.94 12.17
CA LEU E 25 9.70 -36.10 12.78
C LEU E 25 9.12 -35.30 13.94
N ASP E 26 9.97 -34.53 14.59
CA ASP E 26 9.53 -33.54 15.55
C ASP E 26 9.34 -32.21 14.84
N TRP E 27 8.69 -31.25 15.49
CA TRP E 27 8.51 -29.94 14.91
C TRP E 27 9.76 -29.08 14.98
N LYS E 28 10.77 -29.52 15.74
CA LYS E 28 12.05 -28.82 15.77
C LYS E 28 12.98 -29.31 14.65
N GLU E 29 13.11 -30.63 14.51
CA GLU E 29 13.93 -31.17 13.43
C GLU E 29 13.34 -30.85 12.07
N PHE E 30 12.02 -30.94 11.93
CA PHE E 30 11.36 -30.58 10.68
C PHE E 30 11.53 -29.09 10.38
N GLY E 31 11.37 -28.24 11.39
CA GLY E 31 11.51 -26.81 11.16
C GLY E 31 12.92 -26.40 10.77
N THR E 32 13.93 -27.08 11.33
CA THR E 32 15.30 -26.77 10.97
C THR E 32 15.58 -27.11 9.52
N ILE E 33 15.06 -28.25 9.04
CA ILE E 33 15.29 -28.66 7.66
C ILE E 33 14.70 -27.65 6.69
N LEU E 34 13.50 -27.16 6.99
CA LEU E 34 12.86 -26.20 6.10
C LEU E 34 13.67 -24.91 5.98
N ARG E 35 14.27 -24.45 7.07
CA ARG E 35 15.06 -23.23 7.03
C ARG E 35 16.36 -23.39 6.26
N GLN E 36 16.96 -24.58 6.27
CA GLN E 36 18.12 -24.81 5.43
C GLN E 36 17.74 -24.90 3.96
N LEU E 37 16.60 -25.50 3.65
CA LEU E 37 16.11 -25.53 2.28
C LEU E 37 15.66 -24.16 1.81
N GLN E 38 15.35 -23.24 2.74
CA GLN E 38 15.03 -21.88 2.37
C GLN E 38 16.27 -21.07 2.02
N GLN E 39 17.39 -21.31 2.71
CA GLN E 39 18.65 -20.66 2.34
C GLN E 39 19.12 -21.13 0.96
N GLU E 40 19.02 -22.43 0.68
CA GLU E 40 19.43 -22.93 -0.62
C GLU E 40 18.51 -22.46 -1.73
N THR E 41 17.22 -22.29 -1.44
CA THR E 41 16.29 -21.75 -2.43
C THR E 41 16.63 -20.30 -2.77
N ARG E 42 16.87 -19.48 -1.74
CA ARG E 42 17.17 -18.07 -1.97
C ARG E 42 18.53 -17.89 -2.63
N PHE E 43 19.51 -18.72 -2.29
CA PHE E 43 20.79 -18.68 -2.98
C PHE E 43 20.62 -19.02 -4.45
N ALA E 44 19.82 -20.04 -4.76
CA ALA E 44 19.60 -20.41 -6.16
C ALA E 44 18.85 -19.32 -6.91
N LEU E 45 17.88 -18.67 -6.28
CA LEU E 45 17.13 -17.62 -6.95
C LEU E 45 18.01 -16.43 -7.29
N ASN E 46 18.86 -16.00 -6.35
CA ASN E 46 19.75 -14.87 -6.60
C ASN E 46 20.87 -15.21 -7.56
N LYS E 47 21.45 -16.41 -7.46
CA LYS E 47 22.49 -16.80 -8.40
C LYS E 47 21.95 -16.93 -9.81
N ALA E 48 20.73 -17.47 -9.97
CA ALA E 48 20.14 -17.59 -11.29
C ALA E 48 19.89 -16.23 -11.91
N THR E 49 19.71 -15.20 -11.08
CA THR E 49 19.60 -13.86 -11.63
C THR E 49 20.95 -13.32 -12.07
N GLN E 50 22.01 -13.60 -11.30
CA GLN E 50 23.35 -13.19 -11.72
C GLN E 50 23.75 -13.86 -13.02
N LEU E 51 23.50 -15.16 -13.14
CA LEU E 51 23.86 -15.88 -14.36
C LEU E 51 22.99 -15.47 -15.53
N ALA E 52 21.72 -15.17 -15.31
CA ALA E 52 20.90 -14.61 -16.38
C ALA E 52 21.34 -13.19 -16.73
N TRP E 53 21.91 -12.47 -15.77
CA TRP E 53 22.46 -11.15 -16.04
C TRP E 53 23.67 -11.24 -16.97
N GLU E 54 24.51 -12.27 -16.80
CA GLU E 54 25.65 -12.46 -17.68
C GLU E 54 25.24 -13.08 -19.00
N TRP E 55 24.22 -13.93 -18.98
CA TRP E 55 23.82 -14.63 -20.20
C TRP E 55 23.36 -13.64 -21.27
N MET E 56 22.63 -12.61 -20.86
CA MET E 56 22.11 -11.62 -21.79
C MET E 56 23.17 -10.64 -22.26
N GLY E 57 24.42 -10.79 -21.83
CA GLY E 57 25.47 -9.88 -22.22
C GLY E 57 25.42 -8.54 -21.54
N TYR E 58 24.79 -8.43 -20.39
CA TYR E 58 24.64 -7.17 -19.67
C TYR E 58 25.83 -6.87 -18.76
N SER E 59 26.78 -7.80 -18.65
CA SER E 59 27.91 -7.61 -17.75
C SER E 59 28.78 -6.47 -18.22
N SER E 60 29.39 -5.78 -17.26
CA SER E 60 30.28 -4.67 -17.53
C SER E 60 31.64 -5.18 -17.98
N ASP E 61 32.47 -4.25 -18.46
CA ASP E 61 33.73 -4.62 -19.09
C ASP E 61 34.67 -5.31 -18.12
N TYR E 62 34.74 -4.82 -16.88
CA TYR E 62 35.73 -5.33 -15.93
C TYR E 62 35.50 -6.79 -15.55
N LYS E 63 34.31 -7.33 -15.82
CA LYS E 63 33.99 -8.69 -15.43
C LYS E 63 34.91 -9.71 -16.10
N ASP E 64 35.06 -9.61 -17.42
CA ASP E 64 35.87 -10.57 -18.17
C ASP E 64 37.10 -9.88 -18.79
N ASN E 65 37.61 -8.90 -18.07
CA ASN E 65 38.81 -8.18 -18.50
C ASN E 65 39.95 -8.43 -17.53
N HIS E 66 39.74 -8.14 -16.25
CA HIS E 66 40.79 -8.33 -15.25
C HIS E 66 40.80 -9.75 -14.70
N GLY E 67 39.69 -10.47 -14.80
CA GLY E 67 39.60 -11.83 -14.31
C GLY E 67 38.24 -12.11 -13.69
N GLU E 68 37.80 -13.35 -13.80
CA GLU E 68 36.51 -13.77 -13.25
C GLU E 68 36.51 -15.24 -12.88
N ILE E 75 29.18 -20.95 -26.59
CA ILE E 75 30.11 -20.13 -25.82
C ILE E 75 30.37 -20.77 -24.47
N LEU E 76 29.44 -20.58 -23.53
CA LEU E 76 29.58 -21.18 -22.21
C LEU E 76 29.40 -22.69 -22.24
N GLY E 77 28.78 -23.23 -23.29
CA GLY E 77 28.68 -24.66 -23.50
C GLY E 77 27.25 -25.17 -23.57
N TYR E 78 26.32 -24.46 -22.95
CA TYR E 78 24.94 -24.90 -22.87
C TYR E 78 24.08 -24.17 -23.89
N THR E 79 22.77 -24.39 -23.85
CA THR E 79 21.82 -23.82 -24.80
C THR E 79 20.91 -22.77 -24.19
N ASN E 80 20.26 -23.09 -23.07
CA ASN E 80 19.34 -22.17 -22.41
C ASN E 80 20.00 -21.58 -21.17
N VAL E 81 19.40 -20.48 -20.68
CA VAL E 81 19.82 -19.92 -19.41
C VAL E 81 19.53 -20.86 -18.25
N HIS E 82 18.42 -21.60 -18.30
CA HIS E 82 18.11 -22.57 -17.25
C HIS E 82 19.15 -23.67 -17.19
N GLY E 83 19.60 -24.15 -18.36
CA GLY E 83 20.63 -25.18 -18.36
C GLY E 83 21.94 -24.70 -17.77
N TYR E 84 22.38 -23.50 -18.15
CA TYR E 84 23.62 -22.97 -17.61
C TYR E 84 23.52 -22.73 -16.12
N ALA E 85 22.40 -22.18 -15.67
CA ALA E 85 22.23 -21.89 -14.24
C ALA E 85 22.09 -23.17 -13.43
N TYR E 86 21.32 -24.14 -13.93
CA TYR E 86 21.03 -25.33 -13.15
C TYR E 86 22.29 -26.10 -12.81
N HIS E 87 23.20 -26.24 -13.76
CA HIS E 87 24.41 -27.03 -13.51
C HIS E 87 25.38 -26.26 -12.62
N THR E 88 25.39 -24.93 -12.70
CA THR E 88 26.27 -24.16 -11.83
C THR E 88 25.79 -24.19 -10.39
N ILE E 89 24.49 -23.97 -10.16
CA ILE E 89 23.94 -23.94 -8.81
C ILE E 89 23.73 -25.33 -8.23
N LYS E 90 23.80 -26.37 -9.06
CA LYS E 90 23.60 -27.73 -8.58
C LYS E 90 24.62 -28.12 -7.53
N THR E 91 25.88 -27.72 -7.70
CA THR E 91 26.93 -28.15 -6.78
C THR E 91 26.68 -27.64 -5.37
N LYS E 92 26.43 -26.34 -5.23
CA LYS E 92 26.26 -25.77 -3.89
C LYS E 92 24.90 -26.12 -3.30
N ALA E 93 23.84 -26.04 -4.09
CA ALA E 93 22.50 -26.35 -3.61
C ALA E 93 22.26 -27.86 -3.76
N TYR E 94 23.02 -28.63 -2.99
CA TYR E 94 22.98 -30.08 -3.06
C TYR E 94 21.97 -30.70 -2.10
N ARG E 95 21.21 -29.89 -1.38
CA ARG E 95 20.20 -30.41 -0.46
C ARG E 95 18.81 -30.47 -1.06
N LEU E 96 18.44 -29.50 -1.89
CA LEU E 96 17.15 -29.51 -2.55
C LEU E 96 17.06 -30.67 -3.52
N ASN E 97 15.84 -31.15 -3.73
CA ASN E 97 15.61 -32.17 -4.74
C ASN E 97 15.96 -31.62 -6.11
N SER E 98 16.51 -32.51 -6.95
CA SER E 98 16.94 -32.08 -8.29
C SER E 98 15.76 -31.55 -9.09
N GLY E 99 14.59 -32.15 -8.93
CA GLY E 99 13.41 -31.62 -9.59
C GLY E 99 13.04 -30.23 -9.09
N ASN E 100 13.02 -30.05 -7.77
CA ASN E 100 12.65 -28.77 -7.21
C ASN E 100 13.63 -27.66 -7.54
N LEU E 101 14.91 -28.00 -7.76
CA LEU E 101 15.88 -26.98 -8.12
C LEU E 101 15.60 -26.43 -9.51
N SER E 102 15.11 -27.28 -10.42
CA SER E 102 14.75 -26.81 -11.75
C SER E 102 13.60 -25.81 -11.69
N GLN E 103 12.61 -26.08 -10.84
CA GLN E 103 11.47 -25.15 -10.73
C GLN E 103 11.89 -23.83 -10.09
N THR E 104 12.75 -23.88 -9.07
CA THR E 104 13.21 -22.66 -8.44
C THR E 104 14.02 -21.81 -9.42
N ILE E 105 14.92 -22.45 -10.17
CA ILE E 105 15.73 -21.72 -11.14
C ILE E 105 14.87 -21.19 -12.27
N LYS E 106 13.83 -21.94 -12.66
CA LYS E 106 12.96 -21.48 -13.74
C LYS E 106 12.21 -20.21 -13.34
N ARG E 107 11.81 -20.10 -12.07
CA ARG E 107 11.11 -18.90 -11.62
C ARG E 107 12.00 -17.67 -11.73
N ALA E 108 13.27 -17.79 -11.33
CA ALA E 108 14.16 -16.65 -11.34
C ALA E 108 14.46 -16.20 -12.76
N THR E 109 14.75 -17.15 -13.65
CA THR E 109 15.13 -16.81 -15.02
C THR E 109 13.95 -16.36 -15.86
N ASP E 110 12.74 -16.85 -15.57
CA ASP E 110 11.56 -16.36 -16.26
C ASP E 110 11.15 -14.96 -15.79
N ARG E 111 11.45 -14.61 -14.55
CA ARG E 111 11.22 -13.24 -14.10
C ARG E 111 12.23 -12.27 -14.68
N PHE E 112 13.46 -12.74 -14.92
CA PHE E 112 14.45 -11.88 -15.55
C PHE E 112 14.09 -11.64 -17.02
N LYS E 113 13.58 -12.67 -17.70
CA LYS E 113 13.18 -12.48 -19.09
C LYS E 113 11.92 -11.63 -19.19
N ALA E 114 11.05 -11.70 -18.19
CA ALA E 114 9.86 -10.85 -18.17
C ALA E 114 10.23 -9.38 -18.01
N TYR E 115 11.18 -9.09 -17.12
CA TYR E 115 11.59 -7.72 -16.85
C TYR E 115 12.83 -7.31 -17.64
N GLN E 116 13.19 -8.07 -18.67
CA GLN E 116 14.45 -7.85 -19.36
C GLN E 116 14.51 -6.46 -20.00
N LYS E 117 13.42 -6.03 -20.64
CA LYS E 117 13.44 -4.75 -21.34
C LYS E 117 13.48 -3.57 -20.37
N GLU E 118 12.81 -3.67 -19.23
CA GLU E 118 12.91 -2.60 -18.24
C GLU E 118 14.28 -2.57 -17.59
N ILE E 119 14.88 -3.74 -17.35
CA ILE E 119 16.22 -3.78 -16.76
C ILE E 119 17.22 -3.11 -17.68
N LEU E 120 17.18 -3.44 -18.98
CA LEU E 120 18.09 -2.82 -19.93
C LEU E 120 17.84 -1.32 -20.07
N ARG E 121 16.58 -0.92 -20.19
CA ARG E 121 16.27 0.50 -20.35
C ARG E 121 16.66 1.31 -19.12
N GLY E 122 16.40 0.78 -17.94
CA GLY E 122 16.68 1.49 -16.72
C GLY E 122 15.43 1.94 -16.00
N ASP E 123 14.33 1.22 -16.21
CA ASP E 123 13.09 1.47 -15.49
C ASP E 123 12.95 0.59 -14.26
N MET E 124 13.93 -0.27 -14.00
CA MET E 124 13.87 -1.20 -12.88
C MET E 124 15.31 -1.58 -12.54
N SER E 125 15.56 -1.79 -11.25
CA SER E 125 16.93 -2.05 -10.85
C SER E 125 17.32 -3.50 -11.08
N ILE E 126 16.74 -4.43 -10.32
CA ILE E 126 17.08 -5.85 -10.34
C ILE E 126 16.01 -6.61 -9.57
N PRO E 127 15.51 -7.74 -10.07
CA PRO E 127 14.57 -8.54 -9.28
C PRO E 127 15.19 -9.01 -7.97
N SER E 128 14.39 -8.99 -6.91
CA SER E 128 14.86 -9.34 -5.59
C SER E 128 13.94 -10.39 -4.97
N TYR E 129 14.47 -11.10 -3.99
CA TYR E 129 13.76 -12.20 -3.36
C TYR E 129 13.87 -12.10 -1.84
N LYS E 130 12.74 -12.26 -1.17
CA LYS E 130 12.67 -12.08 0.27
C LYS E 130 13.31 -13.24 1.01
N ARG E 131 13.59 -13.02 2.29
CA ARG E 131 14.29 -14.02 3.09
C ARG E 131 13.43 -15.25 3.32
N ASP E 132 12.17 -15.07 3.69
CA ASP E 132 11.26 -16.18 3.91
C ASP E 132 10.65 -16.54 2.56
N ILE E 133 11.43 -17.26 1.75
CA ILE E 133 11.03 -17.55 0.37
C ILE E 133 10.29 -18.88 0.35
N PRO E 134 9.26 -19.03 -0.49
CA PRO E 134 8.56 -20.32 -0.56
C PRO E 134 9.44 -21.42 -1.13
N LEU E 135 9.13 -22.65 -0.75
CA LEU E 135 9.84 -23.83 -1.24
C LEU E 135 9.01 -24.45 -2.35
N ASP E 136 9.59 -24.49 -3.55
CA ASP E 136 8.86 -24.99 -4.71
C ASP E 136 8.78 -26.52 -4.68
N LEU E 137 7.78 -27.05 -5.38
CA LEU E 137 7.57 -28.48 -5.48
C LEU E 137 6.93 -28.79 -6.83
N ILE E 138 7.28 -29.95 -7.39
CA ILE E 138 6.76 -30.38 -8.69
C ILE E 138 5.64 -31.38 -8.46
N LYS E 139 4.86 -31.66 -9.50
CA LYS E 139 3.73 -32.57 -9.39
C LYS E 139 4.14 -33.93 -8.83
N GLU E 140 5.23 -34.50 -9.36
CA GLU E 140 5.63 -35.83 -8.97
C GLU E 140 6.20 -35.90 -7.55
N ASN E 141 6.48 -34.76 -6.93
CA ASN E 141 7.07 -34.72 -5.61
C ASN E 141 6.07 -34.40 -4.51
N ILE E 142 4.77 -34.40 -4.82
CA ILE E 142 3.73 -34.20 -3.82
C ILE E 142 2.63 -35.22 -4.08
N SER E 143 2.09 -35.79 -2.99
CA SER E 143 1.08 -36.82 -3.10
C SER E 143 0.21 -36.76 -1.85
N VAL E 144 -1.10 -36.68 -2.04
CA VAL E 144 -2.04 -36.63 -0.93
C VAL E 144 -2.81 -37.94 -0.88
N ASN E 145 -2.78 -38.59 0.28
CA ASN E 145 -3.53 -39.83 0.50
C ASN E 145 -4.32 -39.70 1.79
N ARG E 146 -5.55 -40.20 1.77
CA ARG E 146 -6.41 -40.17 2.94
C ARG E 146 -6.33 -41.49 3.69
N MET E 147 -6.08 -41.40 5.00
CA MET E 147 -6.04 -42.54 5.88
C MET E 147 -7.45 -42.91 6.31
N ASN E 148 -7.68 -44.20 6.57
CA ASN E 148 -9.03 -44.72 6.75
C ASN E 148 -9.76 -44.08 7.92
N HIS E 149 -9.05 -43.54 8.90
CA HIS E 149 -9.70 -42.95 10.06
C HIS E 149 -9.89 -41.45 9.87
N GLY E 150 -10.10 -41.03 8.63
CA GLY E 150 -10.39 -39.64 8.33
C GLY E 150 -9.25 -38.68 8.59
N ASP E 151 -8.04 -39.03 8.17
CA ASP E 151 -6.89 -38.15 8.25
C ASP E 151 -6.33 -37.92 6.86
N TYR E 152 -5.80 -36.72 6.65
CA TYR E 152 -5.26 -36.30 5.37
C TYR E 152 -3.75 -36.14 5.52
N ILE E 153 -2.99 -36.83 4.67
CA ILE E 153 -1.53 -36.84 4.72
C ILE E 153 -0.99 -36.41 3.36
N ALA E 154 0.01 -35.55 3.36
CA ALA E 154 0.67 -35.10 2.14
C ALA E 154 2.14 -35.45 2.21
N SER E 155 2.53 -36.51 1.54
CA SER E 155 3.92 -36.94 1.51
C SER E 155 4.71 -36.07 0.55
N LEU E 156 5.73 -35.40 1.06
CA LEU E 156 6.50 -34.42 0.31
C LEU E 156 7.92 -34.92 0.11
N SER E 157 8.40 -34.88 -1.14
CA SER E 157 9.78 -35.18 -1.46
C SER E 157 10.53 -33.86 -1.57
N LEU E 158 11.36 -33.56 -0.57
CA LEU E 158 12.07 -32.29 -0.51
C LEU E 158 13.58 -32.43 -0.56
N LEU E 159 14.15 -33.56 -0.13
CA LEU E 159 15.58 -33.72 -0.01
C LEU E 159 16.11 -34.59 -1.15
N SER E 160 17.38 -34.39 -1.48
CA SER E 160 18.08 -35.21 -2.44
C SER E 160 18.79 -36.36 -1.73
N ASN E 161 19.25 -37.33 -2.53
CA ASN E 161 19.91 -38.50 -1.96
C ASN E 161 21.12 -38.16 -1.10
N PRO E 162 22.01 -37.26 -1.49
CA PRO E 162 23.07 -36.85 -0.55
C PRO E 162 22.54 -36.24 0.73
N ALA E 163 21.46 -35.47 0.68
CA ALA E 163 20.91 -34.82 1.87
C ALA E 163 20.15 -35.76 2.78
N LYS E 164 19.46 -36.75 2.21
CA LYS E 164 18.72 -37.71 3.03
C LYS E 164 19.67 -38.52 3.90
N GLN E 165 20.84 -38.87 3.37
CA GLN E 165 21.81 -39.67 4.12
C GLN E 165 22.34 -38.89 5.33
N GLU E 166 22.79 -37.65 5.11
CA GLU E 166 23.34 -36.85 6.19
C GLU E 166 22.28 -36.50 7.24
N MET E 167 21.09 -36.11 6.79
CA MET E 167 20.07 -35.61 7.69
C MET E 167 19.26 -36.73 8.34
N ASN E 168 19.38 -37.96 7.88
CA ASN E 168 18.67 -39.12 8.43
C ASN E 168 17.15 -38.88 8.40
N VAL E 169 16.68 -38.48 7.22
CA VAL E 169 15.26 -38.23 6.97
C VAL E 169 14.81 -39.10 5.82
N LYS E 170 15.33 -40.33 5.76
CA LYS E 170 15.03 -41.26 4.67
C LYS E 170 13.53 -41.42 4.45
N ARG E 171 13.16 -41.92 3.28
CA ARG E 171 11.78 -41.89 2.77
C ARG E 171 11.35 -40.46 2.55
N LYS E 172 10.05 -40.24 2.39
CA LYS E 172 9.51 -38.90 2.21
C LYS E 172 9.08 -38.32 3.55
N ILE E 173 8.95 -37.00 3.58
CA ILE E 173 8.53 -36.29 4.78
C ILE E 173 7.02 -36.11 4.69
N SER E 174 6.29 -36.81 5.55
CA SER E 174 4.84 -36.74 5.56
C SER E 174 4.37 -35.71 6.57
N VAL E 175 3.37 -34.93 6.18
CA VAL E 175 2.78 -33.92 7.05
C VAL E 175 1.27 -34.10 7.04
N ILE E 176 0.64 -33.74 8.15
CA ILE E 176 -0.81 -33.76 8.27
C ILE E 176 -1.34 -32.36 8.01
N ILE E 177 -2.33 -32.23 7.15
CA ILE E 177 -2.86 -30.95 6.73
C ILE E 177 -4.32 -30.84 7.11
N ILE E 178 -4.72 -29.70 7.66
CA ILE E 178 -6.10 -29.47 8.05
C ILE E 178 -6.93 -29.28 6.79
N VAL E 179 -7.82 -30.23 6.51
CA VAL E 179 -8.67 -30.15 5.33
C VAL E 179 -10.13 -30.13 5.78
N ARG E 180 -10.67 -28.93 5.98
CA ARG E 180 -12.03 -28.74 6.48
C ARG E 180 -12.63 -27.53 5.78
N GLY E 181 -13.72 -27.76 5.05
CA GLY E 181 -14.43 -26.68 4.41
C GLY E 181 -14.39 -26.86 2.90
N ALA E 182 -14.13 -25.74 2.20
CA ALA E 182 -13.98 -25.82 0.76
C ALA E 182 -12.81 -26.70 0.37
N GLY E 183 -11.78 -26.76 1.22
CA GLY E 183 -10.63 -27.60 0.93
C GLY E 183 -11.00 -29.06 0.80
N LYS E 184 -11.87 -29.55 1.69
CA LYS E 184 -12.33 -30.93 1.60
C LYS E 184 -13.10 -31.21 0.32
N THR E 185 -13.75 -30.20 -0.26
CA THR E 185 -14.40 -30.40 -1.55
C THR E 185 -13.36 -30.50 -2.66
N ILE E 186 -12.37 -29.61 -2.64
CA ILE E 186 -11.31 -29.65 -3.65
C ILE E 186 -10.43 -30.88 -3.47
N MET E 187 -10.03 -31.15 -2.22
CA MET E 187 -9.08 -32.23 -1.98
C MET E 187 -9.68 -33.58 -2.33
N ASP E 188 -10.95 -33.79 -2.01
CA ASP E 188 -11.60 -35.07 -2.30
C ASP E 188 -11.75 -35.32 -3.79
N ARG E 189 -11.65 -34.29 -4.63
CA ARG E 189 -11.60 -34.50 -6.06
C ARG E 189 -10.20 -34.79 -6.56
N ILE E 190 -9.16 -34.27 -5.89
CA ILE E 190 -7.80 -34.58 -6.27
C ILE E 190 -7.50 -36.06 -6.09
N LEU E 191 -7.99 -36.65 -5.00
CA LEU E 191 -7.79 -38.07 -4.76
C LEU E 191 -8.60 -38.95 -5.69
N SER E 192 -9.74 -38.47 -6.18
CA SER E 192 -10.57 -39.25 -7.10
C SER E 192 -10.02 -39.22 -8.51
N GLY E 193 -9.64 -38.03 -9.00
CA GLY E 193 -9.12 -37.92 -10.34
C GLY E 193 -9.73 -36.77 -11.10
N GLU E 194 -10.78 -36.16 -10.53
CA GLU E 194 -11.40 -35.01 -11.18
C GLU E 194 -10.43 -33.84 -11.26
N TYR E 195 -9.75 -33.53 -10.16
CA TYR E 195 -8.72 -32.51 -10.13
C TYR E 195 -7.35 -33.17 -10.05
N GLN E 196 -6.37 -32.56 -10.73
CA GLN E 196 -5.02 -33.09 -10.77
C GLN E 196 -4.04 -32.02 -10.32
N VAL E 197 -3.07 -32.43 -9.51
CA VAL E 197 -2.06 -31.49 -9.03
C VAL E 197 -1.20 -31.02 -10.19
N HIS E 198 -0.73 -29.77 -10.10
CA HIS E 198 0.15 -29.22 -11.12
C HIS E 198 1.52 -28.89 -10.56
N ALA E 199 1.54 -28.10 -9.48
CA ALA E 199 2.77 -27.74 -8.79
C ALA E 199 2.39 -27.44 -7.34
N SER E 200 3.34 -26.94 -6.57
CA SER E 200 3.06 -26.69 -5.16
C SER E 200 4.09 -25.76 -4.54
N GLN E 201 3.82 -25.30 -3.32
CA GLN E 201 4.73 -24.44 -2.60
C GLN E 201 4.51 -24.66 -1.11
N ILE E 202 5.53 -24.34 -0.32
CA ILE E 202 5.46 -24.44 1.13
C ILE E 202 5.73 -23.05 1.69
N ILE E 203 4.68 -22.30 1.93
CA ILE E 203 4.80 -20.90 2.33
C ILE E 203 4.92 -20.83 3.85
N HIS E 204 5.48 -19.73 4.33
CA HIS E 204 5.61 -19.48 5.76
C HIS E 204 5.04 -18.11 6.06
N ASP E 205 4.23 -18.03 7.11
CA ASP E 205 3.64 -16.76 7.54
C ASP E 205 4.22 -16.38 8.89
N ASP E 206 4.83 -15.20 8.97
CA ASP E 206 5.47 -14.72 10.18
C ASP E 206 4.50 -14.09 11.16
N ARG E 207 3.29 -13.76 10.74
CA ARG E 207 2.30 -13.16 11.63
C ARG E 207 1.42 -14.20 12.30
N LYS E 208 1.60 -15.48 11.97
CA LYS E 208 0.86 -16.53 12.64
C LYS E 208 1.79 -17.67 13.02
N ASN E 209 3.03 -17.63 12.51
CA ASN E 209 4.03 -18.67 12.75
C ASN E 209 3.50 -20.05 12.37
N LYS E 210 2.90 -20.13 11.18
CA LYS E 210 2.32 -21.36 10.68
C LYS E 210 2.85 -21.63 9.28
N TRP E 211 3.01 -22.91 8.97
CA TRP E 211 3.44 -23.37 7.66
C TRP E 211 2.23 -23.80 6.85
N TYR E 212 2.26 -23.52 5.55
CA TYR E 212 1.15 -23.81 4.66
C TYR E 212 1.64 -24.65 3.49
N LEU E 213 0.69 -25.26 2.79
CA LEU E 213 0.96 -26.12 1.64
C LEU E 213 0.01 -25.72 0.52
N ASN E 214 0.45 -24.78 -0.32
CA ASN E 214 -0.33 -24.34 -1.46
C ASN E 214 -0.31 -25.41 -2.55
N ILE E 215 -1.44 -26.07 -2.76
CA ILE E 215 -1.54 -27.16 -3.73
C ILE E 215 -2.28 -26.63 -4.94
N SER E 216 -1.54 -26.24 -5.97
CA SER E 216 -2.16 -25.83 -7.22
C SER E 216 -2.75 -27.03 -7.93
N TYR E 217 -3.97 -26.86 -8.45
CA TYR E 217 -4.69 -27.96 -9.09
C TYR E 217 -5.19 -27.53 -10.45
N ASP E 218 -5.25 -28.49 -11.37
CA ASP E 218 -5.69 -28.27 -12.74
C ASP E 218 -6.97 -29.05 -12.99
N PHE E 219 -7.94 -28.40 -13.63
CA PHE E 219 -9.25 -28.99 -13.84
C PHE E 219 -9.89 -28.41 -15.09
N GLU E 220 -11.07 -28.92 -15.43
CA GLU E 220 -11.87 -28.38 -16.52
C GLU E 220 -12.92 -27.46 -15.93
N PRO E 221 -12.90 -26.17 -16.21
CA PRO E 221 -13.91 -25.27 -15.63
C PRO E 221 -15.31 -25.69 -16.03
N GLN E 222 -16.24 -25.57 -15.08
CA GLN E 222 -17.62 -25.93 -15.34
C GLN E 222 -18.22 -25.01 -16.41
N THR E 223 -18.92 -25.61 -17.36
CA THR E 223 -19.59 -24.89 -18.43
C THR E 223 -20.98 -24.51 -17.95
N ARG E 224 -21.18 -23.21 -17.70
CA ARG E 224 -22.45 -22.71 -17.20
C ARG E 224 -23.37 -22.38 -18.36
N VAL E 225 -24.43 -23.16 -18.50
CA VAL E 225 -25.45 -22.94 -19.53
C VAL E 225 -26.73 -22.53 -18.83
N LEU E 226 -27.52 -21.69 -19.51
CA LEU E 226 -28.69 -21.10 -18.89
C LEU E 226 -29.64 -22.18 -18.38
N ASP E 227 -30.14 -21.97 -17.15
CA ASP E 227 -31.01 -22.93 -16.49
C ASP E 227 -32.25 -22.19 -16.02
N LEU E 228 -33.43 -22.73 -16.34
CA LEU E 228 -34.68 -22.10 -15.97
C LEU E 228 -35.05 -22.43 -14.53
N ASN E 229 -34.20 -23.22 -13.86
CA ASN E 229 -34.43 -23.59 -12.48
C ASN E 229 -33.64 -22.76 -11.48
N LYS E 230 -32.58 -22.09 -11.90
CA LYS E 230 -31.87 -21.14 -11.04
C LYS E 230 -32.47 -19.76 -11.21
N ILE E 231 -32.71 -19.08 -10.09
CA ILE E 231 -33.41 -17.80 -10.08
C ILE E 231 -32.54 -16.76 -9.41
N MET E 232 -32.38 -15.61 -10.07
CA MET E 232 -31.67 -14.47 -9.52
C MET E 232 -32.67 -13.34 -9.29
N GLY E 233 -32.80 -12.90 -8.04
CA GLY E 233 -33.72 -11.85 -7.70
C GLY E 233 -33.07 -10.48 -7.72
N ILE E 234 -33.92 -9.46 -7.70
CA ILE E 234 -33.49 -8.06 -7.71
C ILE E 234 -34.22 -7.34 -6.59
N ASP E 235 -33.46 -6.63 -5.76
CA ASP E 235 -34.01 -5.88 -4.63
C ASP E 235 -33.78 -4.39 -4.86
N LEU E 236 -34.86 -3.65 -5.06
CA LEU E 236 -34.80 -2.19 -5.15
C LEU E 236 -34.56 -1.66 -3.74
N GLY E 237 -33.29 -1.47 -3.38
CA GLY E 237 -32.93 -1.23 -2.01
C GLY E 237 -33.14 0.20 -1.54
N VAL E 238 -32.92 0.41 -0.25
CA VAL E 238 -33.08 1.73 0.35
C VAL E 238 -31.77 2.49 0.38
N ALA E 239 -30.67 1.84 0.78
CA ALA E 239 -29.35 2.45 0.75
C ALA E 239 -28.54 2.08 -0.47
N VAL E 240 -28.97 1.05 -1.20
CA VAL E 240 -28.33 0.63 -2.45
C VAL E 240 -29.38 0.74 -3.55
N ALA E 241 -28.96 1.19 -4.73
CA ALA E 241 -29.92 1.36 -5.82
C ALA E 241 -30.55 0.04 -6.22
N ALA E 242 -29.78 -1.04 -6.26
CA ALA E 242 -30.30 -2.36 -6.57
C ALA E 242 -29.41 -3.42 -5.95
N TYR E 243 -30.01 -4.56 -5.64
CA TYR E 243 -29.27 -5.66 -5.01
C TYR E 243 -29.69 -6.97 -5.65
N MET E 244 -28.70 -7.84 -5.89
CA MET E 244 -28.90 -9.09 -6.59
C MET E 244 -28.44 -10.24 -5.70
N ALA E 245 -29.26 -11.28 -5.60
CA ALA E 245 -28.94 -12.45 -4.79
C ALA E 245 -29.47 -13.71 -5.47
N PHE E 246 -28.90 -14.84 -5.05
CA PHE E 246 -29.28 -16.15 -5.55
C PHE E 246 -29.50 -17.09 -4.37
N GLN E 247 -30.41 -18.04 -4.55
CA GLN E 247 -30.67 -19.01 -3.50
C GLN E 247 -29.85 -20.29 -3.65
N HIS E 248 -29.14 -20.46 -4.75
CA HIS E 248 -28.29 -21.63 -4.95
C HIS E 248 -26.82 -21.35 -4.67
N THR E 249 -26.46 -20.12 -4.32
CA THR E 249 -25.08 -19.77 -4.03
C THR E 249 -25.07 -18.52 -3.19
N PRO E 250 -24.10 -18.38 -2.27
CA PRO E 250 -23.99 -17.14 -1.49
C PRO E 250 -23.47 -15.95 -2.29
N ALA E 251 -23.29 -16.10 -3.61
CA ALA E 251 -22.84 -14.99 -4.43
C ALA E 251 -23.86 -13.86 -4.41
N ARG E 252 -23.36 -12.63 -4.44
CA ARG E 252 -24.23 -11.47 -4.44
C ARG E 252 -23.57 -10.36 -5.23
N TYR E 253 -24.42 -9.48 -5.76
CA TYR E 253 -23.96 -8.31 -6.49
C TYR E 253 -24.85 -7.14 -6.13
N LYS E 254 -24.26 -5.95 -6.05
CA LYS E 254 -24.99 -4.76 -5.65
C LYS E 254 -24.74 -3.65 -6.64
N LEU E 255 -25.82 -3.02 -7.11
CA LEU E 255 -25.73 -1.84 -7.97
C LEU E 255 -25.86 -0.62 -7.07
N GLU E 256 -24.74 -0.17 -6.53
CA GLU E 256 -24.76 1.02 -5.69
C GLU E 256 -25.01 2.27 -6.54
N GLY E 257 -25.63 3.26 -5.92
CA GLY E 257 -26.00 4.46 -6.64
C GLY E 257 -25.29 5.71 -6.15
N GLY E 258 -23.99 5.58 -5.86
CA GLY E 258 -23.23 6.74 -5.44
C GLY E 258 -23.22 7.86 -6.46
N GLU E 259 -23.16 7.52 -7.75
CA GLU E 259 -23.18 8.54 -8.78
C GLU E 259 -24.54 9.19 -8.89
N ILE E 260 -25.61 8.47 -8.54
CA ILE E 260 -26.96 9.04 -8.64
C ILE E 260 -27.18 10.10 -7.58
N GLU E 261 -26.67 9.90 -6.37
CA GLU E 261 -26.82 10.91 -5.32
C GLU E 261 -26.08 12.20 -5.69
N ASN E 262 -24.87 12.06 -6.23
CA ASN E 262 -24.10 13.25 -6.61
C ASN E 262 -24.79 14.05 -7.70
N PHE E 263 -25.37 13.37 -8.69
CA PHE E 263 -26.02 14.09 -9.78
C PHE E 263 -27.25 14.84 -9.29
N ARG E 264 -28.03 14.24 -8.39
CA ARG E 264 -29.21 14.91 -7.88
C ARG E 264 -28.86 16.13 -7.04
N ARG E 265 -27.75 16.06 -6.30
CA ARG E 265 -27.30 17.23 -5.57
C ARG E 265 -26.80 18.31 -6.52
N GLN E 266 -26.15 17.91 -7.61
CA GLN E 266 -25.66 18.89 -8.57
C GLN E 266 -26.81 19.65 -9.23
N VAL E 267 -27.83 18.92 -9.70
CA VAL E 267 -28.93 19.56 -10.42
C VAL E 267 -29.70 20.50 -9.49
N GLU E 268 -29.96 20.05 -8.26
CA GLU E 268 -30.72 20.88 -7.33
C GLU E 268 -30.00 22.19 -7.05
N SER E 269 -28.69 22.12 -6.85
CA SER E 269 -27.92 23.34 -6.60
C SER E 269 -27.92 24.24 -7.83
N ARG E 270 -27.77 23.66 -9.02
CA ARG E 270 -27.79 24.46 -10.23
C ARG E 270 -29.17 25.03 -10.51
N ARG E 271 -30.24 24.28 -10.19
CA ARG E 271 -31.58 24.83 -10.35
C ARG E 271 -31.80 26.02 -9.44
N ILE E 272 -31.30 25.96 -8.20
CA ILE E 272 -31.46 27.07 -7.27
C ILE E 272 -30.74 28.31 -7.78
N SER E 273 -29.51 28.15 -8.24
CA SER E 273 -28.71 29.28 -8.71
C SER E 273 -28.99 29.65 -10.15
N MET E 274 -29.87 28.92 -10.82
CA MET E 274 -30.25 29.26 -12.20
C MET E 274 -31.30 30.36 -12.25
N LEU E 275 -31.90 30.69 -11.11
CA LEU E 275 -32.92 31.73 -11.05
C LEU E 275 -32.34 33.10 -11.36
N LYS E 295 -34.69 28.77 -21.46
CA LYS E 295 -33.58 28.05 -22.08
C LYS E 295 -32.65 27.37 -21.06
N PRO E 296 -32.18 28.09 -20.01
CA PRO E 296 -31.31 27.44 -19.02
C PRO E 296 -32.01 26.30 -18.30
N ILE E 297 -33.24 26.53 -17.84
CA ILE E 297 -34.03 25.47 -17.22
C ILE E 297 -34.39 24.40 -18.24
N GLU E 298 -34.64 24.79 -19.49
CA GLU E 298 -34.95 23.80 -20.53
C GLU E 298 -33.78 22.86 -20.75
N GLN E 299 -32.55 23.40 -20.79
CA GLN E 299 -31.37 22.57 -20.98
C GLN E 299 -31.07 21.69 -19.78
N LEU E 300 -31.31 22.17 -18.56
CA LEU E 300 -31.07 21.34 -17.39
C LEU E 300 -32.03 20.16 -17.34
N ARG E 301 -33.27 20.36 -17.79
CA ARG E 301 -34.23 19.25 -17.83
C ARG E 301 -33.83 18.22 -18.89
N ASP E 302 -33.28 18.66 -20.01
CA ASP E 302 -32.85 17.74 -21.05
C ASP E 302 -31.71 16.85 -20.54
N LYS E 303 -30.80 17.43 -19.76
CA LYS E 303 -29.70 16.65 -19.22
C LYS E 303 -30.19 15.58 -18.25
N ILE E 304 -31.23 15.90 -17.48
CA ILE E 304 -31.77 14.92 -16.53
C ILE E 304 -32.32 13.70 -17.26
N ALA E 305 -33.03 13.91 -18.36
CA ALA E 305 -33.59 12.78 -19.10
C ALA E 305 -32.50 11.88 -19.65
N ASN E 306 -31.41 12.45 -20.16
CA ASN E 306 -30.33 11.63 -20.69
C ASN E 306 -29.65 10.83 -19.58
N PHE E 307 -29.38 11.46 -18.43
CA PHE E 307 -28.70 10.75 -17.35
C PHE E 307 -29.52 9.58 -16.86
N ARG E 308 -30.84 9.78 -16.71
CA ARG E 308 -31.70 8.69 -16.26
C ARG E 308 -31.70 7.55 -17.27
N ASP E 309 -31.73 7.87 -18.56
CA ASP E 309 -31.75 6.84 -19.58
C ASP E 309 -30.42 6.09 -19.64
N THR E 310 -29.30 6.82 -19.66
CA THR E 310 -28.00 6.15 -19.74
C THR E 310 -27.72 5.32 -18.49
N THR E 311 -28.04 5.84 -17.31
CA THR E 311 -27.86 5.06 -16.09
C THR E 311 -28.70 3.81 -16.11
N ASN E 312 -29.91 3.89 -16.67
CA ASN E 312 -30.73 2.69 -16.83
C ASN E 312 -30.08 1.69 -17.77
N HIS E 313 -29.45 2.16 -18.85
CA HIS E 313 -28.76 1.25 -19.76
C HIS E 313 -27.60 0.55 -19.06
N ARG E 314 -26.80 1.30 -18.31
CA ARG E 314 -25.69 0.70 -17.57
C ARG E 314 -26.21 -0.24 -16.48
N TYR E 315 -27.29 0.15 -15.80
CA TYR E 315 -27.80 -0.66 -14.71
C TYR E 315 -28.45 -1.94 -15.21
N SER E 316 -29.22 -1.84 -16.30
CA SER E 316 -29.85 -3.02 -16.85
C SER E 316 -28.83 -4.01 -17.39
N ARG E 317 -27.79 -3.51 -18.06
CA ARG E 317 -26.77 -4.41 -18.62
C ARG E 317 -26.04 -5.16 -17.52
N TYR E 318 -25.72 -4.48 -16.42
CA TYR E 318 -25.03 -5.15 -15.33
C TYR E 318 -25.86 -6.28 -14.74
N ILE E 319 -27.17 -6.05 -14.58
CA ILE E 319 -28.02 -7.06 -13.98
C ILE E 319 -28.05 -8.32 -14.84
N VAL E 320 -28.23 -8.16 -16.15
CA VAL E 320 -28.29 -9.32 -17.03
C VAL E 320 -26.94 -9.99 -17.13
N ASP E 321 -25.86 -9.22 -17.19
CA ASP E 321 -24.51 -9.80 -17.26
C ASP E 321 -24.16 -10.58 -16.00
N MET E 322 -24.61 -10.12 -14.83
CA MET E 322 -24.39 -10.89 -13.62
C MET E 322 -25.36 -12.05 -13.49
N ALA E 323 -26.33 -12.15 -14.39
CA ALA E 323 -27.19 -13.33 -14.45
C ALA E 323 -26.67 -14.37 -15.43
N ILE E 324 -26.14 -13.94 -16.58
CA ILE E 324 -25.54 -14.87 -17.52
C ILE E 324 -24.29 -15.51 -16.92
N LYS E 325 -23.54 -14.76 -16.12
CA LYS E 325 -22.33 -15.29 -15.50
C LYS E 325 -22.65 -16.44 -14.56
N MET E 326 -23.74 -16.33 -13.81
CA MET E 326 -24.09 -17.35 -12.82
C MET E 326 -24.98 -18.44 -13.38
N GLY E 327 -25.29 -18.41 -14.67
CA GLY E 327 -26.05 -19.50 -15.28
C GLY E 327 -27.52 -19.53 -14.93
N CYS E 328 -28.09 -18.42 -14.48
CA CYS E 328 -29.49 -18.34 -14.15
C CYS E 328 -30.31 -17.96 -15.38
N GLY E 329 -31.52 -18.51 -15.45
CA GLY E 329 -32.41 -18.23 -16.56
C GLY E 329 -33.74 -17.64 -16.14
N THR E 330 -33.80 -17.09 -14.93
CA THR E 330 -35.02 -16.48 -14.42
C THR E 330 -34.64 -15.28 -13.55
N ILE E 331 -35.26 -14.14 -13.82
CA ILE E 331 -35.01 -12.92 -13.06
C ILE E 331 -36.31 -12.45 -12.43
N GLN E 332 -36.46 -12.69 -11.13
CA GLN E 332 -37.66 -12.24 -10.44
C GLN E 332 -37.43 -10.88 -9.81
N MET E 333 -38.49 -10.08 -9.77
CA MET E 333 -38.40 -8.72 -9.24
C MET E 333 -39.81 -8.20 -9.00
N GLU E 334 -39.87 -6.96 -8.51
CA GLU E 334 -41.14 -6.32 -8.16
C GLU E 334 -41.81 -5.76 -9.41
N ASP E 335 -43.01 -5.24 -9.25
CA ASP E 335 -43.78 -4.65 -10.34
C ASP E 335 -43.79 -3.13 -10.19
N LEU E 336 -43.62 -2.45 -11.32
CA LEU E 336 -43.64 -0.98 -11.33
C LEU E 336 -44.51 -0.46 -12.47
N ASP E 341 -45.06 6.02 -5.73
CA ASP E 341 -44.41 7.28 -5.34
C ASP E 341 -42.90 7.13 -5.27
N ILE E 342 -42.26 8.07 -4.55
CA ILE E 342 -40.82 8.01 -4.37
C ILE E 342 -40.40 6.77 -3.57
N GLY E 343 -41.12 6.46 -2.49
CA GLY E 343 -40.82 5.29 -1.70
C GLY E 343 -39.51 5.36 -0.95
N SER E 344 -39.28 4.42 -0.03
CA SER E 344 -38.01 4.33 0.67
C SER E 344 -36.89 3.81 -0.21
N ARG E 345 -37.21 3.37 -1.44
CA ARG E 345 -36.22 2.86 -2.36
C ARG E 345 -35.18 3.92 -2.68
N PHE E 346 -33.93 3.48 -2.87
CA PHE E 346 -32.79 4.38 -2.97
C PHE E 346 -32.90 5.38 -4.10
N LEU E 347 -33.57 5.02 -5.20
CA LEU E 347 -33.62 5.85 -6.38
C LEU E 347 -34.58 7.04 -6.23
N GLN E 348 -35.35 7.07 -5.15
CA GLN E 348 -36.36 8.10 -4.95
C GLN E 348 -37.25 8.23 -6.19
N ASN E 349 -37.28 9.42 -6.79
CA ASN E 349 -37.99 9.62 -8.04
C ASN E 349 -37.08 9.20 -9.19
N TRP E 350 -37.60 8.31 -10.04
CA TRP E 350 -36.81 7.74 -11.12
C TRP E 350 -37.76 7.16 -12.17
N THR E 351 -37.23 6.96 -13.37
CA THR E 351 -38.01 6.31 -14.42
C THR E 351 -38.08 4.82 -14.15
N TYR E 352 -38.84 4.42 -13.13
CA TYR E 352 -38.86 3.01 -12.73
C TYR E 352 -39.42 2.14 -13.85
N TYR E 353 -40.51 2.58 -14.48
CA TYR E 353 -41.11 1.79 -15.56
C TYR E 353 -40.17 1.64 -16.75
N ASP E 354 -39.33 2.64 -17.00
CA ASP E 354 -38.36 2.52 -18.09
C ASP E 354 -37.29 1.47 -17.79
N LEU E 355 -36.91 1.31 -16.53
CA LEU E 355 -35.87 0.35 -16.19
C LEU E 355 -36.34 -1.08 -16.42
N GLN E 356 -37.60 -1.37 -16.10
CA GLN E 356 -38.12 -2.71 -16.36
C GLN E 356 -38.14 -3.01 -17.86
N GLN E 357 -38.54 -2.04 -18.68
CA GLN E 357 -38.58 -2.23 -20.12
C GLN E 357 -37.20 -2.26 -20.74
N LYS E 358 -36.15 -2.09 -19.94
CA LYS E 358 -34.79 -2.35 -20.38
C LYS E 358 -34.17 -3.55 -19.70
N ILE E 359 -34.64 -3.91 -18.49
CA ILE E 359 -34.22 -5.18 -17.90
C ILE E 359 -34.85 -6.34 -18.67
N ILE E 360 -36.14 -6.25 -18.98
CA ILE E 360 -36.80 -7.33 -19.72
C ILE E 360 -36.21 -7.47 -21.11
N TYR E 361 -36.01 -6.36 -21.80
CA TYR E 361 -35.51 -6.43 -23.18
C TYR E 361 -34.10 -7.00 -23.23
N LYS E 362 -33.25 -6.64 -22.27
CA LYS E 362 -31.89 -7.17 -22.27
C LYS E 362 -31.86 -8.61 -21.81
N ALA E 363 -32.67 -8.98 -20.82
CA ALA E 363 -32.73 -10.36 -20.38
C ALA E 363 -33.27 -11.27 -21.46
N GLU E 364 -34.28 -10.81 -22.19
CA GLU E 364 -34.93 -11.62 -23.22
C GLU E 364 -34.19 -11.62 -24.54
N GLU E 365 -33.10 -10.85 -24.66
CA GLU E 365 -32.18 -11.00 -25.77
C GLU E 365 -31.18 -12.12 -25.55
N ALA E 366 -31.17 -12.72 -24.35
CA ALA E 366 -30.20 -13.76 -24.02
C ALA E 366 -30.87 -15.05 -23.55
N GLY E 367 -32.20 -15.12 -23.56
CA GLY E 367 -32.91 -16.32 -23.19
C GLY E 367 -33.44 -16.33 -21.77
N ILE E 368 -33.16 -15.31 -20.98
CA ILE E 368 -33.63 -15.25 -19.61
C ILE E 368 -35.02 -14.63 -19.56
N LYS E 369 -35.92 -15.26 -18.83
CA LYS E 369 -37.27 -14.76 -18.64
C LYS E 369 -37.36 -13.92 -17.37
N VAL E 370 -38.44 -13.15 -17.27
CA VAL E 370 -38.64 -12.21 -16.18
C VAL E 370 -40.02 -12.45 -15.58
N ILE E 371 -40.09 -12.57 -14.26
CA ILE E 371 -41.34 -12.75 -13.53
C ILE E 371 -41.53 -11.55 -12.62
N LYS E 372 -42.65 -10.86 -12.76
CA LYS E 372 -42.96 -9.69 -11.94
C LYS E 372 -43.74 -10.14 -10.72
N ILE E 373 -43.09 -10.10 -9.56
CA ILE E 373 -43.66 -10.58 -8.31
C ILE E 373 -43.84 -9.40 -7.36
N ASP E 374 -45.06 -9.23 -6.84
CA ASP E 374 -45.34 -8.10 -5.96
C ASP E 374 -44.49 -8.21 -4.69
N PRO E 375 -44.11 -7.07 -4.11
CA PRO E 375 -43.18 -7.13 -2.96
C PRO E 375 -43.74 -7.85 -1.76
N GLN E 376 -44.98 -7.55 -1.39
CA GLN E 376 -45.63 -8.14 -0.20
C GLN E 376 -44.73 -7.82 1.02
N TYR E 377 -44.37 -8.83 1.82
CA TYR E 377 -43.51 -8.64 2.97
C TYR E 377 -42.16 -9.33 2.77
N THR E 378 -41.61 -9.24 1.55
CA THR E 378 -40.32 -9.85 1.28
C THR E 378 -39.21 -9.22 2.09
N SER E 379 -39.23 -7.89 2.21
CA SER E 379 -38.21 -7.21 3.00
C SER E 379 -38.33 -7.55 4.48
N GLN E 380 -39.56 -7.62 4.99
CA GLN E 380 -39.81 -7.92 6.40
C GLN E 380 -40.07 -9.41 6.60
N ARG E 381 -39.09 -10.22 6.21
CA ARG E 381 -39.19 -11.66 6.30
C ARG E 381 -37.78 -12.22 6.42
N CYS E 382 -37.67 -13.39 7.04
CA CYS E 382 -36.37 -14.02 7.30
C CYS E 382 -36.14 -15.10 6.26
N SER E 383 -35.06 -14.97 5.49
CA SER E 383 -34.71 -15.98 4.50
C SER E 383 -34.11 -17.22 5.16
N GLU E 384 -33.70 -17.11 6.42
CA GLU E 384 -32.99 -18.21 7.06
C GLU E 384 -33.95 -19.30 7.53
N CYS E 385 -34.85 -18.95 8.45
CA CYS E 385 -35.76 -19.93 9.05
C CYS E 385 -37.20 -19.75 8.59
N GLY E 386 -37.42 -18.92 7.56
CA GLY E 386 -38.78 -18.69 7.09
C GLY E 386 -39.68 -18.00 8.09
N ASN E 387 -39.11 -17.12 8.92
CA ASN E 387 -39.89 -16.32 9.85
C ASN E 387 -40.60 -15.21 9.07
N ILE E 388 -41.85 -15.48 8.73
CA ILE E 388 -42.66 -14.55 7.96
C ILE E 388 -42.84 -13.27 8.75
N ASP E 389 -43.13 -13.40 10.04
CA ASP E 389 -43.22 -12.27 10.95
C ASP E 389 -44.15 -11.18 10.44
N GLY E 395 -32.96 -1.00 12.79
CA GLY E 395 -33.75 -0.41 11.73
C GLY E 395 -33.64 -1.19 10.42
N GLN E 396 -33.53 -0.45 9.31
CA GLN E 396 -33.39 -1.06 7.99
C GLN E 396 -31.95 -1.26 7.58
N ALA E 397 -30.99 -0.98 8.45
CA ALA E 397 -29.58 -1.19 8.13
C ALA E 397 -29.27 -2.67 8.08
N ILE E 398 -29.49 -3.37 9.19
CA ILE E 398 -29.22 -4.80 9.31
C ILE E 398 -30.49 -5.49 9.77
N PHE E 399 -30.91 -6.52 9.04
CA PHE E 399 -32.08 -7.31 9.41
C PHE E 399 -31.66 -8.44 10.33
N LYS E 400 -32.32 -8.53 11.48
CA LYS E 400 -32.03 -9.56 12.47
C LYS E 400 -33.31 -10.29 12.80
N CYS E 401 -33.38 -11.57 12.43
CA CYS E 401 -34.55 -12.38 12.73
C CYS E 401 -34.70 -12.54 14.24
N ARG E 402 -35.94 -12.36 14.72
CA ARG E 402 -36.19 -12.49 16.15
C ARG E 402 -36.10 -13.92 16.65
N ALA E 403 -36.33 -14.91 15.79
CA ALA E 403 -36.25 -16.30 16.21
C ALA E 403 -34.93 -16.93 15.76
N CYS E 404 -34.66 -16.91 14.46
CA CYS E 404 -33.46 -17.56 13.94
C CYS E 404 -32.18 -16.82 14.35
N GLY E 405 -32.24 -15.49 14.42
CA GLY E 405 -31.08 -14.71 14.79
C GLY E 405 -30.13 -14.38 13.66
N TYR E 406 -30.49 -14.73 12.42
CA TYR E 406 -29.64 -14.42 11.27
C TYR E 406 -29.62 -12.91 11.03
N GLU E 407 -28.42 -12.34 11.03
CA GLU E 407 -28.23 -10.90 10.84
C GLU E 407 -27.43 -10.68 9.57
N ALA E 408 -28.03 -9.97 8.61
CA ALA E 408 -27.34 -9.62 7.38
C ALA E 408 -27.95 -8.32 6.86
N ASN E 409 -27.41 -7.84 5.74
CA ASN E 409 -27.90 -6.59 5.17
C ASN E 409 -29.36 -6.73 4.74
N ALA E 410 -30.16 -5.72 5.05
CA ALA E 410 -31.59 -5.78 4.77
C ALA E 410 -31.84 -5.88 3.26
N ASP E 411 -31.10 -5.10 2.47
CA ASP E 411 -31.22 -5.18 1.03
C ASP E 411 -30.82 -6.56 0.49
N TYR E 412 -29.79 -7.17 1.07
CA TYR E 412 -29.43 -8.53 0.69
C TYR E 412 -30.49 -9.54 1.07
N ASN E 413 -31.09 -9.40 2.25
CA ASN E 413 -32.15 -10.32 2.64
C ASN E 413 -33.38 -10.14 1.76
N ALA E 414 -33.72 -8.90 1.40
CA ALA E 414 -34.85 -8.67 0.51
C ALA E 414 -34.58 -9.19 -0.90
N ALA E 415 -33.31 -9.46 -1.23
CA ALA E 415 -32.98 -10.03 -2.53
C ALA E 415 -33.02 -11.56 -2.52
N ARG E 416 -32.55 -12.18 -1.44
CA ARG E 416 -32.72 -13.63 -1.31
C ARG E 416 -34.19 -14.00 -1.18
N ASN E 417 -34.96 -13.19 -0.45
CA ASN E 417 -36.38 -13.46 -0.29
C ASN E 417 -37.09 -13.45 -1.63
N ILE E 418 -36.78 -12.47 -2.48
CA ILE E 418 -37.38 -12.38 -3.81
C ILE E 418 -36.91 -13.57 -4.63
N ALA E 419 -35.67 -13.99 -4.41
CA ALA E 419 -35.03 -15.04 -5.21
C ALA E 419 -35.66 -16.42 -5.02
N ILE E 420 -36.37 -16.65 -3.93
CA ILE E 420 -37.01 -17.94 -3.67
C ILE E 420 -38.06 -18.20 -4.74
N PRO E 421 -38.09 -19.39 -5.33
CA PRO E 421 -39.07 -19.66 -6.40
C PRO E 421 -40.49 -19.52 -5.92
N ASN E 422 -41.25 -18.64 -6.59
CA ASN E 422 -42.64 -18.35 -6.25
C ASN E 422 -42.78 -17.92 -4.79
N ILE E 423 -41.95 -16.96 -4.39
CA ILE E 423 -42.05 -16.40 -3.05
C ILE E 423 -43.39 -15.73 -2.82
N ASP E 424 -44.03 -15.23 -3.87
CA ASP E 424 -45.27 -14.47 -3.74
C ASP E 424 -46.35 -15.31 -3.05
N LYS E 425 -46.48 -16.57 -3.46
CA LYS E 425 -47.53 -17.41 -2.88
C LYS E 425 -47.17 -17.86 -1.47
N ILE E 426 -45.92 -18.26 -1.23
CA ILE E 426 -45.56 -18.84 0.05
C ILE E 426 -45.69 -17.81 1.17
N ILE E 427 -45.49 -16.54 0.87
CA ILE E 427 -45.79 -15.49 1.84
C ILE E 427 -47.30 -15.36 2.00
N ALA E 428 -48.04 -15.43 0.89
CA ALA E 428 -49.49 -15.31 0.96
C ALA E 428 -50.12 -16.46 1.74
N GLU E 429 -49.50 -17.65 1.70
CA GLU E 429 -50.00 -18.76 2.50
C GLU E 429 -49.90 -18.45 3.98
N SER E 430 -48.80 -17.84 4.41
CA SER E 430 -48.66 -17.48 5.82
C SER E 430 -49.51 -16.27 6.18
N ILE E 431 -49.68 -15.33 5.25
CA ILE E 431 -50.47 -14.14 5.50
C ILE E 431 -51.79 -14.21 4.73
ZN ZN F . -4.80 6.83 43.03
MG MG G . -2.97 32.83 1.17
MG MG H . -8.25 26.62 -2.25
ZN ZN I . -35.27 -16.57 10.96
#